data_2V9S
#
_entry.id   2V9S
#
_cell.length_a   60.360
_cell.length_b   123.450
_cell.length_c   127.650
_cell.angle_alpha   90.00
_cell.angle_beta   90.00
_cell.angle_gamma   90.00
#
_symmetry.space_group_name_H-M   'P 21 21 21'
#
loop_
_entity.id
_entity.type
_entity.pdbx_description
1 polymer 'SLIT HOMOLOG 2 PROTEIN N-PRODUCT'
2 non-polymer GLYCEROL
3 non-polymer DI(HYDROXYETHYL)ETHER
4 water water
#
_entity_poly.entity_id   1
_entity_poly.type   'polypeptide(L)'
_entity_poly.pdbx_seq_one_letter_code
;GSLHCPAACTCSNNIVDCRGKGLTEIPTNLPETITEIRLEQNTIKVIPPGAFSPYKKLRRIDLSNNQISELAPDAFQGLR
SLNSLVLYGNKITELPKSLFEGLFSLQLLLLNANKIN(CSD)LRVDAFQDLHNLNLLSLYDNKLQTIAKGTFSPLRAIQT
MHLAQNPFICDCHLKWLADYLHTNPIETSGARCTSPRRLANKRIGQIKSKKFRCSAAAHHHHHH
;
_entity_poly.pdbx_strand_id   A,B,C,D
#
# COMPACT_ATOMS: atom_id res chain seq x y z
N HIS A 4 30.61 -16.22 13.85
CA HIS A 4 29.78 -14.99 13.59
C HIS A 4 28.29 -15.21 13.87
N CYS A 5 27.90 -16.49 13.84
CA CYS A 5 26.58 -16.94 14.27
C CYS A 5 26.70 -17.53 15.67
N PRO A 6 25.96 -16.98 16.65
CA PRO A 6 25.99 -17.55 18.00
C PRO A 6 25.67 -19.04 17.98
N ALA A 7 26.35 -19.81 18.83
CA ALA A 7 26.27 -21.27 18.77
C ALA A 7 24.87 -21.86 19.06
N ALA A 8 24.06 -21.10 19.80
CA ALA A 8 22.69 -21.49 20.13
C ALA A 8 21.68 -21.17 19.02
N CYS A 9 22.06 -20.27 18.11
CA CYS A 9 21.14 -19.77 17.08
C CYS A 9 21.32 -20.41 15.71
N THR A 10 20.41 -20.11 14.80
CA THR A 10 20.58 -20.52 13.41
C THR A 10 20.58 -19.26 12.53
N CYS A 11 21.60 -19.14 11.70
CA CYS A 11 21.76 -17.99 10.81
C CYS A 11 21.86 -18.46 9.36
N SER A 12 21.00 -17.90 8.52
CA SER A 12 21.02 -18.14 7.07
C SER A 12 20.20 -17.07 6.36
N ASN A 13 20.55 -16.78 5.11
CA ASN A 13 19.81 -15.80 4.29
CA ASN A 13 19.85 -15.80 4.28
C ASN A 13 19.71 -14.42 4.96
N ASN A 14 20.77 -14.02 5.68
CA ASN A 14 20.86 -12.74 6.42
C ASN A 14 19.97 -12.65 7.65
N ILE A 15 19.31 -13.77 7.99
CA ILE A 15 18.51 -13.83 9.20
C ILE A 15 19.29 -14.48 10.35
N VAL A 16 19.36 -13.78 11.48
CA VAL A 16 19.87 -14.40 12.71
C VAL A 16 18.67 -14.78 13.59
N ASP A 17 18.52 -16.06 13.87
CA ASP A 17 17.37 -16.56 14.62
C ASP A 17 17.77 -17.21 15.96
N CYS A 18 17.55 -16.47 17.03
CA CYS A 18 17.87 -16.90 18.38
C CYS A 18 16.60 -16.96 19.22
N ARG A 19 15.47 -17.25 18.59
CA ARG A 19 14.18 -17.37 19.27
C ARG A 19 14.21 -18.47 20.32
N GLY A 20 13.92 -18.12 21.58
CA GLY A 20 13.80 -19.11 22.67
C GLY A 20 15.02 -20.01 22.83
N LYS A 21 16.18 -19.38 23.02
CA LYS A 21 17.41 -20.12 23.26
C LYS A 21 18.10 -19.69 24.58
N GLY A 22 17.35 -19.20 25.56
CA GLY A 22 17.95 -18.83 26.86
C GLY A 22 18.93 -17.65 26.96
N LEU A 23 19.03 -16.86 25.90
CA LEU A 23 19.96 -15.73 25.85
C LEU A 23 19.67 -14.71 26.94
N THR A 24 20.75 -14.21 27.54
CA THR A 24 20.67 -13.24 28.63
C THR A 24 21.13 -11.85 28.20
N GLU A 25 21.68 -11.76 27.00
CA GLU A 25 22.12 -10.50 26.41
C GLU A 25 22.07 -10.64 24.90
N ILE A 26 22.06 -9.49 24.22
CA ILE A 26 22.21 -9.42 22.77
C ILE A 26 23.60 -9.96 22.39
N PRO A 27 23.63 -10.97 21.51
CA PRO A 27 24.89 -11.46 20.98
C PRO A 27 25.63 -10.37 20.21
N THR A 28 26.96 -10.38 20.28
CA THR A 28 27.76 -9.40 19.57
C THR A 28 28.52 -10.02 18.38
N ASN A 29 29.23 -9.17 17.63
CA ASN A 29 29.90 -9.55 16.37
C ASN A 29 29.13 -10.53 15.46
N LEU A 30 27.97 -10.06 15.00
CA LEU A 30 27.17 -10.75 14.00
C LEU A 30 27.60 -10.19 12.64
N PRO A 31 27.22 -10.86 11.52
CA PRO A 31 27.57 -10.31 10.20
C PRO A 31 26.94 -8.93 9.90
N GLU A 32 27.71 -8.05 9.29
CA GLU A 32 27.30 -6.65 9.08
C GLU A 32 26.19 -6.55 8.04
N THR A 33 25.93 -7.65 7.38
CA THR A 33 24.99 -7.68 6.27
C THR A 33 23.59 -8.10 6.69
N ILE A 34 23.44 -8.45 7.97
CA ILE A 34 22.21 -8.99 8.56
C ILE A 34 20.97 -8.11 8.25
N THR A 35 19.86 -8.72 7.86
CA THR A 35 18.64 -7.93 7.55
C THR A 35 17.47 -8.20 8.52
N GLU A 36 17.56 -9.32 9.23
CA GLU A 36 16.61 -9.63 10.27
C GLU A 36 17.31 -10.26 11.49
N ILE A 37 16.99 -9.76 12.68
CA ILE A 37 17.50 -10.33 13.94
C ILE A 37 16.31 -10.83 14.82
N ARG A 38 16.29 -12.13 15.10
CA ARG A 38 15.22 -12.75 15.89
C ARG A 38 15.74 -13.10 17.32
N LEU A 39 15.48 -12.22 18.28
CA LEU A 39 15.95 -12.37 19.68
C LEU A 39 14.79 -12.54 20.68
N GLU A 40 13.62 -12.86 20.18
CA GLU A 40 12.43 -12.99 21.04
C GLU A 40 12.44 -14.24 21.87
N GLN A 41 11.72 -14.14 22.98
CA GLN A 41 11.53 -15.22 23.95
C GLN A 41 12.82 -15.68 24.60
N ASN A 42 13.68 -14.73 24.94
CA ASN A 42 14.86 -14.97 25.73
C ASN A 42 14.70 -14.22 27.06
N THR A 43 15.80 -13.94 27.75
CA THR A 43 15.70 -13.17 28.99
C THR A 43 16.66 -11.98 29.00
N ILE A 44 16.77 -11.31 27.86
CA ILE A 44 17.54 -10.07 27.72
C ILE A 44 16.90 -9.00 28.60
N LYS A 45 17.74 -8.27 29.33
CA LYS A 45 17.26 -7.20 30.23
C LYS A 45 17.60 -5.78 29.78
N VAL A 46 18.70 -5.66 29.05
CA VAL A 46 19.28 -4.37 28.73
C VAL A 46 19.52 -4.26 27.24
N ILE A 47 19.08 -3.17 26.62
CA ILE A 47 19.56 -2.89 25.26
C ILE A 47 20.66 -1.82 25.32
N PRO A 48 21.93 -2.24 25.12
CA PRO A 48 23.08 -1.36 25.40
C PRO A 48 23.29 -0.27 24.32
N PRO A 49 24.11 0.76 24.64
CA PRO A 49 24.38 1.86 23.72
C PRO A 49 24.73 1.41 22.31
N GLY A 50 24.04 2.01 21.34
CA GLY A 50 24.11 1.65 19.90
C GLY A 50 24.16 0.18 19.57
N ALA A 51 23.39 -0.61 20.31
CA ALA A 51 23.33 -2.08 20.19
C ALA A 51 23.22 -2.63 18.76
N PHE A 52 22.34 -2.03 17.98
CA PHE A 52 22.04 -2.50 16.63
C PHE A 52 22.64 -1.60 15.55
N SER A 53 23.41 -0.60 15.98
CA SER A 53 24.03 0.41 15.11
C SER A 53 25.02 -0.14 14.10
N PRO A 54 25.75 -1.22 14.45
CA PRO A 54 26.61 -1.88 13.42
C PRO A 54 25.88 -2.53 12.20
N TYR A 55 24.57 -2.69 12.26
CA TYR A 55 23.81 -3.50 11.30
C TYR A 55 22.80 -2.61 10.60
N LYS A 56 23.31 -1.77 9.72
CA LYS A 56 22.49 -0.74 9.13
C LYS A 56 21.66 -1.32 7.98
N LYS A 57 21.85 -2.60 7.67
CA LYS A 57 21.03 -3.28 6.68
C LYS A 57 19.82 -4.02 7.28
N LEU A 58 19.64 -3.88 8.61
CA LEU A 58 18.47 -4.41 9.33
C LEU A 58 17.14 -3.84 8.90
N ARG A 59 16.21 -4.76 8.69
CA ARG A 59 14.89 -4.41 8.29
C ARG A 59 13.85 -4.80 9.37
N ARG A 60 14.17 -5.86 10.12
CA ARG A 60 13.29 -6.39 11.18
C ARG A 60 14.12 -6.72 12.43
N ILE A 61 13.71 -6.16 13.57
CA ILE A 61 14.21 -6.61 14.86
C ILE A 61 13.07 -7.13 15.70
N ASP A 62 13.19 -8.38 16.16
CA ASP A 62 12.23 -8.93 17.13
C ASP A 62 12.90 -9.12 18.51
N LEU A 63 12.50 -8.29 19.47
CA LEU A 63 12.95 -8.35 20.87
C LEU A 63 11.81 -8.71 21.86
N SER A 64 10.71 -9.25 21.31
CA SER A 64 9.55 -9.42 22.11
C SER A 64 9.74 -10.54 23.14
N ASN A 65 9.00 -10.46 24.23
CA ASN A 65 9.01 -11.48 25.27
C ASN A 65 10.35 -11.78 25.85
N ASN A 66 10.99 -10.72 26.28
CA ASN A 66 12.21 -10.79 27.05
C ASN A 66 11.90 -10.18 28.40
N GLN A 67 12.93 -9.60 29.03
CA GLN A 67 12.79 -8.98 30.34
C GLN A 67 13.42 -7.57 30.25
N ILE A 68 13.25 -6.89 29.11
CA ILE A 68 13.93 -5.59 28.89
C ILE A 68 13.35 -4.45 29.76
N SER A 69 14.16 -3.89 30.66
CA SER A 69 13.72 -2.71 31.46
C SER A 69 14.51 -1.46 31.11
N GLU A 70 15.57 -1.65 30.33
CA GLU A 70 16.47 -0.56 29.98
C GLU A 70 16.87 -0.53 28.50
N LEU A 71 16.63 0.61 27.86
CA LEU A 71 17.05 0.82 26.47
C LEU A 71 17.93 2.04 26.40
N ALA A 72 19.15 1.88 25.92
CA ALA A 72 19.97 3.03 25.57
C ALA A 72 19.28 3.87 24.50
N PRO A 73 19.36 5.24 24.59
CA PRO A 73 18.59 6.08 23.64
C PRO A 73 19.07 5.97 22.20
N ASP A 74 20.35 5.62 22.00
CA ASP A 74 20.87 5.35 20.66
C ASP A 74 20.94 3.83 20.25
N ALA A 75 20.08 3.01 20.87
CA ALA A 75 19.94 1.57 20.62
C ALA A 75 19.68 1.29 19.15
N PHE A 76 18.91 2.15 18.51
CA PHE A 76 18.57 1.91 17.09
C PHE A 76 19.05 2.97 16.14
N GLN A 77 20.09 3.69 16.54
CA GLN A 77 20.66 4.80 15.77
C GLN A 77 21.29 4.38 14.42
N GLY A 78 20.87 5.09 13.36
CA GLY A 78 21.32 4.81 12.01
C GLY A 78 20.55 3.75 11.25
N LEU A 79 19.56 3.12 11.89
CA LEU A 79 18.81 2.06 11.21
C LEU A 79 17.74 2.63 10.28
N ARG A 80 18.18 3.32 9.22
CA ARG A 80 17.30 4.11 8.35
C ARG A 80 16.42 3.22 7.47
N SER A 81 16.76 1.92 7.38
CA SER A 81 16.06 0.93 6.53
C SER A 81 15.17 0.00 7.36
N LEU A 82 15.25 0.10 8.68
CA LEU A 82 14.42 -0.69 9.60
C LEU A 82 12.93 -0.49 9.33
N ASN A 83 12.21 -1.58 9.03
CA ASN A 83 10.75 -1.60 8.71
C ASN A 83 9.89 -2.05 9.89
N SER A 84 10.42 -2.94 10.70
CA SER A 84 9.71 -3.33 11.93
C SER A 84 10.55 -3.50 13.19
N LEU A 85 9.99 -2.96 14.26
CA LEU A 85 10.56 -2.99 15.57
C LEU A 85 9.50 -3.56 16.51
N VAL A 86 9.78 -4.77 17.00
CA VAL A 86 8.83 -5.59 17.73
C VAL A 86 9.39 -5.76 19.14
N LEU A 87 8.73 -5.12 20.09
CA LEU A 87 9.27 -4.94 21.47
C LEU A 87 8.26 -5.32 22.54
N TYR A 88 7.20 -5.99 22.11
CA TYR A 88 6.08 -6.26 23.03
C TYR A 88 6.50 -7.30 24.05
N GLY A 89 5.87 -7.22 25.21
CA GLY A 89 6.07 -8.25 26.24
C GLY A 89 7.39 -8.09 26.98
N ASN A 90 7.72 -6.87 27.33
CA ASN A 90 8.95 -6.63 28.15
C ASN A 90 8.58 -5.82 29.41
N LYS A 91 9.55 -5.11 30.01
CA LYS A 91 9.27 -4.39 31.25
C LYS A 91 9.61 -2.93 31.03
N ILE A 92 9.31 -2.41 29.84
CA ILE A 92 9.80 -1.07 29.42
C ILE A 92 8.94 0.02 30.12
N THR A 93 9.57 0.99 30.76
CA THR A 93 8.78 1.96 31.52
C THR A 93 8.72 3.34 30.89
N GLU A 94 9.78 3.70 30.18
CA GLU A 94 9.84 5.00 29.54
C GLU A 94 10.61 4.85 28.23
N LEU A 95 10.30 5.70 27.26
CA LEU A 95 11.03 5.68 25.99
C LEU A 95 12.05 6.82 26.02
N PRO A 96 13.37 6.50 26.06
CA PRO A 96 14.26 7.65 26.26
C PRO A 96 14.13 8.60 25.08
N LYS A 97 14.40 9.87 25.28
CA LYS A 97 14.47 10.78 24.14
C LYS A 97 15.32 10.22 22.99
N SER A 98 14.74 10.31 21.79
CA SER A 98 15.38 9.98 20.53
CA SER A 98 15.45 9.97 20.55
C SER A 98 15.60 8.47 20.28
N LEU A 99 14.90 7.63 21.05
CA LEU A 99 14.95 6.15 20.86
C LEU A 99 14.58 5.69 19.45
N PHE A 100 13.54 6.31 18.90
CA PHE A 100 13.14 6.06 17.53
C PHE A 100 13.50 7.19 16.56
N GLU A 101 14.57 7.93 16.87
CA GLU A 101 15.06 9.00 15.97
C GLU A 101 15.61 8.41 14.70
N GLY A 102 15.19 9.00 13.56
CA GLY A 102 15.70 8.66 12.24
C GLY A 102 15.23 7.33 11.65
N LEU A 103 14.26 6.67 12.27
CA LEU A 103 13.74 5.41 11.74
C LEU A 103 12.71 5.69 10.65
N PHE A 104 13.16 6.34 9.59
CA PHE A 104 12.29 6.81 8.53
C PHE A 104 11.60 5.73 7.69
N SER A 105 12.07 4.48 7.79
CA SER A 105 11.49 3.42 7.00
C SER A 105 10.58 2.55 7.87
N LEU A 106 10.47 2.87 9.16
CA LEU A 106 9.74 1.99 10.09
C LEU A 106 8.28 1.96 9.73
N GLN A 107 7.72 0.76 9.68
CA GLN A 107 6.31 0.56 9.30
C GLN A 107 5.48 -0.09 10.41
N LEU A 108 6.14 -0.92 11.22
CA LEU A 108 5.54 -1.60 12.35
C LEU A 108 6.35 -1.27 13.62
N LEU A 109 5.64 -0.80 14.64
CA LEU A 109 6.24 -0.56 15.99
C LEU A 109 5.32 -1.16 17.03
N LEU A 110 5.75 -2.28 17.61
CA LEU A 110 4.98 -2.94 18.68
C LEU A 110 5.60 -2.70 20.07
N LEU A 111 4.89 -1.98 20.89
CA LEU A 111 5.35 -1.66 22.24
C LEU A 111 4.32 -2.16 23.26
N ASN A 112 3.40 -2.99 22.80
CA ASN A 112 2.34 -3.47 23.70
C ASN A 112 2.89 -4.32 24.82
N ALA A 113 2.07 -4.48 25.87
CA ALA A 113 2.42 -5.29 27.08
C ALA A 113 3.78 -4.89 27.68
N ASN A 114 3.88 -3.61 28.00
CA ASN A 114 5.02 -3.07 28.74
C ASN A 114 4.47 -2.28 29.93
N LYS A 115 5.25 -1.37 30.49
CA LYS A 115 4.83 -0.61 31.67
C LYS A 115 4.94 0.90 31.38
N ILE A 116 4.75 1.27 30.11
CA ILE A 116 5.05 2.65 29.66
C ILE A 116 4.08 3.64 30.29
N ASN A 117 4.56 4.63 31.05
CA ASN A 117 3.63 5.48 31.77
C ASN A 117 3.43 6.84 31.14
N LEU A 119 4.45 9.26 27.24
CA LEU A 119 5.05 9.42 25.96
C LEU A 119 5.40 10.88 25.80
N ARG A 120 6.65 11.13 25.42
CA ARG A 120 7.08 12.43 24.90
C ARG A 120 6.30 12.76 23.61
N VAL A 121 5.91 14.03 23.47
CA VAL A 121 5.18 14.46 22.29
CA VAL A 121 5.22 14.54 22.26
C VAL A 121 6.01 14.19 20.99
N ASP A 122 7.35 14.18 21.13
CA ASP A 122 8.25 13.87 20.01
C ASP A 122 8.72 12.40 19.94
N ALA A 123 8.02 11.49 20.63
CA ALA A 123 8.36 10.06 20.69
C ALA A 123 8.37 9.40 19.31
N PHE A 124 7.54 9.92 18.41
CA PHE A 124 7.40 9.32 17.08
C PHE A 124 7.70 10.37 16.04
N GLN A 125 8.62 11.28 16.34
CA GLN A 125 8.88 12.43 15.50
C GLN A 125 9.30 12.06 14.05
N ASP A 126 9.99 10.93 13.91
CA ASP A 126 10.58 10.50 12.63
C ASP A 126 9.89 9.34 11.96
N LEU A 127 8.77 8.92 12.53
CA LEU A 127 8.04 7.74 12.11
C LEU A 127 6.98 8.12 11.06
N HIS A 128 7.42 8.88 10.07
CA HIS A 128 6.60 9.38 8.97
C HIS A 128 5.84 8.26 8.23
N ASN A 129 6.49 7.09 8.13
CA ASN A 129 6.01 5.99 7.27
C ASN A 129 5.39 4.82 8.02
N LEU A 130 5.19 5.02 9.34
CA LEU A 130 4.63 3.99 10.22
C LEU A 130 3.21 3.66 9.84
N ASN A 131 2.89 2.37 9.76
CA ASN A 131 1.50 2.00 9.41
C ASN A 131 0.69 1.40 10.56
N LEU A 132 1.38 0.68 11.44
CA LEU A 132 0.79 0.04 12.62
C LEU A 132 1.57 0.40 13.87
N LEU A 133 0.92 1.03 14.85
CA LEU A 133 1.54 1.27 16.15
C LEU A 133 0.74 0.56 17.21
N SER A 134 1.42 -0.11 18.14
CA SER A 134 0.70 -0.57 19.31
C SER A 134 1.34 -0.14 20.59
N LEU A 135 0.48 0.45 21.43
CA LEU A 135 0.74 0.84 22.84
C LEU A 135 -0.21 0.08 23.77
N TYR A 136 -0.79 -1.02 23.27
CA TYR A 136 -1.76 -1.79 24.03
C TYR A 136 -1.20 -2.37 25.33
N ASP A 137 -1.96 -2.18 26.41
CA ASP A 137 -1.59 -2.75 27.74
C ASP A 137 -0.26 -2.11 28.19
N ASN A 138 -0.38 -0.82 28.52
CA ASN A 138 0.68 -0.09 29.14
C ASN A 138 0.16 0.65 30.37
N LYS A 139 0.79 1.74 30.82
CA LYS A 139 0.22 2.54 31.92
C LYS A 139 -0.06 4.01 31.53
N LEU A 140 -0.41 4.26 30.27
CA LEU A 140 -0.72 5.58 29.76
C LEU A 140 -2.06 6.11 30.29
N GLN A 141 -2.00 7.30 30.90
CA GLN A 141 -3.15 7.98 31.43
C GLN A 141 -3.60 9.04 30.46
N THR A 142 -2.68 9.39 29.57
CA THR A 142 -2.86 10.48 28.64
C THR A 142 -1.86 10.33 27.50
N ILE A 143 -2.18 11.00 26.39
CA ILE A 143 -1.30 11.19 25.25
C ILE A 143 -1.46 12.67 24.93
N ALA A 144 -0.32 13.35 24.88
CA ALA A 144 -0.27 14.79 24.69
C ALA A 144 -0.61 15.18 23.24
N LYS A 145 -1.46 16.19 23.07
CA LYS A 145 -1.79 16.67 21.74
C LYS A 145 -0.50 16.95 20.95
N GLY A 146 -0.43 16.43 19.71
CA GLY A 146 0.75 16.55 18.85
C GLY A 146 1.54 15.25 18.70
N THR A 147 1.35 14.31 19.60
CA THR A 147 2.15 13.08 19.57
C THR A 147 1.91 12.28 18.28
N PHE A 148 0.72 12.42 17.72
CA PHE A 148 0.35 11.74 16.47
C PHE A 148 0.59 12.57 15.21
N SER A 149 0.91 13.86 15.34
CA SER A 149 1.13 14.71 14.14
C SER A 149 2.12 14.18 13.10
N PRO A 150 3.25 13.55 13.54
CA PRO A 150 4.25 13.05 12.60
C PRO A 150 3.88 11.74 11.93
N LEU A 151 2.79 11.11 12.36
CA LEU A 151 2.42 9.80 11.86
C LEU A 151 1.58 9.92 10.59
N ARG A 152 2.26 10.22 9.48
CA ARG A 152 1.56 10.61 8.26
C ARG A 152 1.06 9.41 7.49
N ALA A 153 1.60 8.21 7.76
CA ALA A 153 1.12 7.05 7.04
C ALA A 153 0.36 6.07 7.90
N ILE A 154 0.05 6.45 9.15
CA ILE A 154 -0.62 5.56 10.12
C ILE A 154 -1.98 5.02 9.61
N GLN A 155 -2.23 3.74 9.82
CA GLN A 155 -3.40 3.07 9.28
C GLN A 155 -4.11 2.35 10.42
N THR A 156 -3.38 1.93 11.45
CA THR A 156 -3.95 1.16 12.55
C THR A 156 -3.19 1.52 13.83
N MET A 157 -3.96 1.77 14.90
CA MET A 157 -3.41 1.84 16.27
C MET A 157 -4.07 0.84 17.24
N HIS A 158 -3.26 0.23 18.11
CA HIS A 158 -3.80 -0.53 19.26
C HIS A 158 -3.44 0.22 20.53
N LEU A 159 -4.45 0.84 21.13
CA LEU A 159 -4.27 1.77 22.25
C LEU A 159 -4.89 1.26 23.57
N ALA A 160 -5.67 0.18 23.53
CA ALA A 160 -6.46 -0.21 24.69
C ALA A 160 -5.59 -0.71 25.84
N GLN A 161 -6.27 -1.08 26.92
CA GLN A 161 -5.66 -1.56 28.17
C GLN A 161 -4.61 -0.57 28.70
N ASN A 162 -5.02 0.68 28.65
CA ASN A 162 -4.30 1.77 29.25
C ASN A 162 -5.30 2.55 30.08
N PRO A 163 -4.89 2.99 31.27
CA PRO A 163 -5.81 3.73 32.15
C PRO A 163 -6.04 5.16 31.75
N PHE A 164 -6.68 5.40 30.59
CA PHE A 164 -6.88 6.76 30.06
C PHE A 164 -7.81 7.65 30.88
N ILE A 165 -7.34 8.85 31.18
CA ILE A 165 -8.15 9.80 31.85
C ILE A 165 -8.74 10.68 30.75
N CYS A 166 -10.06 10.61 30.59
CA CYS A 166 -10.74 11.25 29.48
C CYS A 166 -11.17 12.60 29.96
N ASP A 167 -10.18 13.48 30.07
CA ASP A 167 -10.43 14.85 30.48
C ASP A 167 -10.16 15.73 29.28
N CYS A 168 -10.10 17.03 29.51
CA CYS A 168 -10.03 17.99 28.41
C CYS A 168 -8.72 17.91 27.65
N HIS A 169 -7.74 17.23 28.26
CA HIS A 169 -6.41 17.00 27.68
C HIS A 169 -6.29 15.78 26.75
N LEU A 170 -7.28 14.88 26.80
CA LEU A 170 -7.44 13.79 25.84
C LEU A 170 -8.52 14.00 24.77
N LYS A 171 -9.15 15.16 24.80
CA LYS A 171 -10.22 15.57 23.86
C LYS A 171 -9.75 15.54 22.43
N TRP A 172 -8.51 15.99 22.19
CA TRP A 172 -7.91 15.92 20.87
C TRP A 172 -7.96 14.50 20.29
N LEU A 173 -7.73 13.46 21.14
CA LEU A 173 -7.76 12.08 20.73
C LEU A 173 -9.16 11.60 20.32
N ALA A 174 -10.19 12.09 21.01
CA ALA A 174 -11.57 11.85 20.59
C ALA A 174 -11.77 12.39 19.17
N ASP A 175 -11.53 13.71 18.96
CA ASP A 175 -11.53 14.34 17.62
C ASP A 175 -10.68 13.62 16.55
N TYR A 176 -9.45 13.29 16.90
CA TYR A 176 -8.55 12.58 16.02
C TYR A 176 -9.20 11.29 15.53
N LEU A 177 -9.65 10.47 16.47
CA LEU A 177 -10.27 9.18 16.16
C LEU A 177 -11.63 9.26 15.46
N HIS A 178 -12.41 10.31 15.72
CA HIS A 178 -13.65 10.56 14.97
C HIS A 178 -13.31 10.75 13.48
N THR A 179 -12.32 11.60 13.25
CA THR A 179 -11.76 11.91 11.94
C THR A 179 -11.09 10.70 11.28
N ASN A 180 -10.21 10.02 12.03
CA ASN A 180 -9.43 8.86 11.60
C ASN A 180 -9.70 7.60 12.47
N PRO A 181 -10.84 6.91 12.25
CA PRO A 181 -11.23 5.77 13.11
C PRO A 181 -10.36 4.52 12.93
N ILE A 182 -9.12 4.63 13.39
CA ILE A 182 -8.05 3.64 13.16
C ILE A 182 -7.66 2.89 14.43
N GLU A 183 -8.29 3.24 15.55
CA GLU A 183 -8.11 2.49 16.81
C GLU A 183 -9.05 1.27 16.86
N THR A 184 -8.46 0.09 16.87
CA THR A 184 -9.15 -1.17 16.60
C THR A 184 -9.12 -2.22 17.76
N SER A 185 -8.60 -1.83 18.92
CA SER A 185 -8.53 -2.74 20.07
C SER A 185 -9.54 -2.35 21.18
N GLY A 186 -10.35 -1.33 20.91
CA GLY A 186 -11.45 -1.00 21.81
C GLY A 186 -10.98 -0.28 23.04
N ALA A 187 -10.13 0.74 22.84
CA ALA A 187 -9.65 1.64 23.92
C ALA A 187 -10.75 2.36 24.70
N ARG A 188 -10.62 2.29 26.01
CA ARG A 188 -11.60 2.82 26.95
C ARG A 188 -11.06 3.88 27.92
N CYS A 189 -11.94 4.74 28.40
CA CYS A 189 -11.59 5.56 29.56
C CYS A 189 -11.61 4.69 30.79
N THR A 190 -10.72 4.98 31.74
CA THR A 190 -10.85 4.41 33.09
C THR A 190 -11.20 5.47 34.13
N SER A 191 -11.05 6.72 33.72
CA SER A 191 -11.41 7.85 34.60
C SER A 191 -11.83 9.00 33.66
N PRO A 192 -12.73 9.90 34.12
CA PRO A 192 -13.43 9.97 35.42
C PRO A 192 -14.48 8.87 35.55
N ARG A 193 -15.08 8.75 36.71
CA ARG A 193 -16.08 7.70 36.94
C ARG A 193 -17.27 7.79 35.96
N ARG A 194 -17.60 9.01 35.55
CA ARG A 194 -18.71 9.23 34.61
C ARG A 194 -18.51 8.56 33.25
N LEU A 195 -17.25 8.33 32.90
CA LEU A 195 -16.82 7.77 31.60
C LEU A 195 -16.06 6.45 31.72
N ALA A 196 -15.85 5.97 32.94
CA ALA A 196 -15.03 4.77 33.17
C ALA A 196 -15.62 3.62 32.40
N ASN A 197 -14.75 2.95 31.68
CA ASN A 197 -15.05 1.73 30.92
C ASN A 197 -15.84 1.94 29.60
N LYS A 198 -15.98 3.20 29.21
CA LYS A 198 -16.59 3.51 27.94
C LYS A 198 -15.51 3.64 26.87
N ARG A 199 -15.85 3.27 25.63
CA ARG A 199 -14.91 3.31 24.50
C ARG A 199 -14.70 4.76 24.09
N ILE A 200 -13.42 5.17 24.03
CA ILE A 200 -13.04 6.54 23.63
C ILE A 200 -13.64 6.97 22.26
N GLY A 201 -13.88 5.99 21.39
CA GLY A 201 -14.51 6.22 20.07
C GLY A 201 -16.03 6.41 20.08
N GLN A 202 -16.69 5.87 21.11
CA GLN A 202 -18.12 6.03 21.32
CA GLN A 202 -18.13 6.02 21.34
C GLN A 202 -18.53 7.31 22.10
N ILE A 203 -17.55 8.11 22.52
CA ILE A 203 -17.84 9.27 23.38
C ILE A 203 -17.71 10.56 22.61
N LYS A 204 -18.75 11.42 22.63
CA LYS A 204 -18.68 12.71 21.96
C LYS A 204 -17.59 13.55 22.62
N SER A 205 -16.82 14.30 21.83
CA SER A 205 -15.69 15.11 22.31
CA SER A 205 -15.68 15.06 22.35
C SER A 205 -16.08 16.06 23.45
N LYS A 206 -17.28 16.61 23.35
CA LYS A 206 -17.76 17.61 24.29
C LYS A 206 -17.74 17.12 25.74
N LYS A 207 -17.66 15.80 25.93
CA LYS A 207 -17.73 15.13 27.25
C LYS A 207 -16.36 15.05 27.93
N PHE A 208 -15.31 15.28 27.14
CA PHE A 208 -13.94 15.34 27.63
C PHE A 208 -13.68 16.72 28.18
N ARG A 209 -13.79 16.87 29.50
CA ARG A 209 -13.65 18.17 30.15
C ARG A 209 -12.85 18.13 31.47
N CYS A 210 -12.32 19.29 31.86
CA CYS A 210 -11.51 19.43 33.08
C CYS A 210 -12.27 20.22 34.16
N HIS B 4 8.09 -31.95 -17.24
CA HIS B 4 7.03 -30.90 -17.11
C HIS B 4 7.55 -29.48 -17.29
N CYS B 5 8.86 -29.39 -17.52
CA CYS B 5 9.53 -28.14 -17.88
C CYS B 5 9.91 -28.16 -19.36
N PRO B 6 9.43 -27.18 -20.15
CA PRO B 6 9.81 -27.16 -21.57
C PRO B 6 11.33 -27.17 -21.72
N ALA B 7 11.84 -27.84 -22.74
CA ALA B 7 13.27 -28.08 -22.88
C ALA B 7 14.14 -26.81 -22.94
N ALA B 8 13.56 -25.74 -23.48
CA ALA B 8 14.23 -24.43 -23.67
C ALA B 8 14.13 -23.51 -22.46
N CYS B 9 13.27 -23.86 -21.51
CA CYS B 9 13.01 -23.03 -20.34
C CYS B 9 13.74 -23.52 -19.09
N THR B 10 13.77 -22.67 -18.07
CA THR B 10 14.23 -23.06 -16.74
C THR B 10 13.08 -22.92 -15.73
N CYS B 11 12.91 -23.96 -14.92
CA CYS B 11 11.80 -24.07 -13.97
C CYS B 11 12.35 -24.39 -12.60
N SER B 12 12.03 -23.55 -11.63
CA SER B 12 12.44 -23.70 -10.24
C SER B 12 11.64 -22.73 -9.40
N ASN B 13 11.44 -23.06 -8.13
CA ASN B 13 10.71 -22.20 -7.19
C ASN B 13 9.28 -21.84 -7.66
N ASN B 14 8.65 -22.78 -8.39
CA ASN B 14 7.34 -22.58 -9.06
C ASN B 14 7.26 -21.52 -10.16
N ILE B 15 8.42 -21.14 -10.70
CA ILE B 15 8.50 -20.19 -11.81
C ILE B 15 8.93 -20.96 -13.05
N VAL B 16 8.16 -20.79 -14.14
CA VAL B 16 8.57 -21.23 -15.47
C VAL B 16 9.07 -20.03 -16.27
N ASP B 17 10.35 -20.03 -16.60
CA ASP B 17 11.03 -18.95 -17.30
C ASP B 17 11.42 -19.34 -18.73
N CYS B 18 10.68 -18.80 -19.69
CA CYS B 18 10.90 -19.14 -21.08
C CYS B 18 11.28 -17.89 -21.86
N ARG B 19 11.88 -16.92 -21.19
CA ARG B 19 12.16 -15.58 -21.77
C ARG B 19 13.12 -15.70 -22.94
N GLY B 20 12.73 -15.13 -24.07
CA GLY B 20 13.57 -15.08 -25.25
C GLY B 20 14.11 -16.44 -25.70
N LYS B 21 13.26 -17.45 -25.85
CA LYS B 21 13.75 -18.79 -26.28
C LYS B 21 13.17 -19.28 -27.62
N GLY B 22 12.61 -18.35 -28.40
CA GLY B 22 12.05 -18.65 -29.72
C GLY B 22 10.75 -19.48 -29.75
N LEU B 23 10.03 -19.53 -28.65
CA LEU B 23 8.74 -20.23 -28.57
C LEU B 23 7.73 -19.66 -29.55
N THR B 24 7.00 -20.56 -30.22
CA THR B 24 5.96 -20.17 -31.17
C THR B 24 4.55 -20.33 -30.64
N GLU B 25 4.44 -21.00 -29.50
CA GLU B 25 3.16 -21.14 -28.79
C GLU B 25 3.43 -21.31 -27.29
N ILE B 26 2.40 -21.09 -26.49
CA ILE B 26 2.40 -21.39 -25.05
C ILE B 26 2.67 -22.88 -24.83
N PRO B 27 3.71 -23.21 -24.04
CA PRO B 27 3.93 -24.61 -23.70
C PRO B 27 2.78 -25.13 -22.85
N THR B 28 2.47 -26.40 -23.03
CA THR B 28 1.37 -27.03 -22.32
C THR B 28 1.98 -28.03 -21.33
N ASN B 29 1.13 -28.58 -20.46
CA ASN B 29 1.52 -29.60 -19.47
C ASN B 29 2.56 -29.11 -18.45
N LEU B 30 2.43 -27.86 -18.00
CA LEU B 30 3.30 -27.31 -16.97
C LEU B 30 2.77 -27.76 -15.60
N PRO B 31 3.63 -27.73 -14.52
CA PRO B 31 3.14 -28.13 -13.19
C PRO B 31 1.95 -27.28 -12.76
N GLU B 32 0.97 -27.89 -12.11
CA GLU B 32 -0.26 -27.21 -11.71
C GLU B 32 -0.01 -26.18 -10.62
N THR B 33 1.12 -26.32 -9.92
CA THR B 33 1.48 -25.45 -8.78
C THR B 33 2.27 -24.17 -9.13
N ILE B 34 2.57 -24.00 -10.42
CA ILE B 34 3.22 -22.81 -10.99
C ILE B 34 2.62 -21.46 -10.47
N THR B 35 3.47 -20.52 -10.04
CA THR B 35 3.00 -19.18 -9.56
C THR B 35 3.39 -17.98 -10.44
N GLU B 36 4.35 -18.18 -11.32
CA GLU B 36 4.78 -17.19 -12.28
C GLU B 36 5.19 -17.86 -13.59
N ILE B 37 4.72 -17.29 -14.69
CA ILE B 37 5.17 -17.77 -16.01
C ILE B 37 5.72 -16.60 -16.84
N ARG B 38 6.93 -16.77 -17.35
CA ARG B 38 7.60 -15.74 -18.14
C ARG B 38 7.70 -16.23 -19.60
N LEU B 39 6.83 -15.72 -20.47
CA LEU B 39 6.81 -16.13 -21.88
C LEU B 39 7.17 -14.94 -22.78
N GLU B 40 7.78 -13.95 -22.17
CA GLU B 40 8.10 -12.72 -22.91
C GLU B 40 9.24 -12.92 -23.91
N GLN B 41 9.21 -12.08 -24.94
CA GLN B 41 10.21 -12.07 -26.02
C GLN B 41 10.33 -13.40 -26.80
N ASN B 42 9.19 -13.97 -27.16
CA ASN B 42 9.19 -15.13 -28.03
C ASN B 42 8.41 -14.71 -29.29
N THR B 43 7.77 -15.62 -29.99
CA THR B 43 6.98 -15.27 -31.18
C THR B 43 5.62 -15.94 -31.12
N ILE B 44 5.07 -16.03 -29.92
CA ILE B 44 3.68 -16.48 -29.69
C ILE B 44 2.71 -15.51 -30.39
N LYS B 45 1.72 -16.09 -31.08
CA LYS B 45 0.75 -15.36 -31.93
C LYS B 45 -0.67 -15.42 -31.37
N VAL B 46 -0.98 -16.50 -30.68
CA VAL B 46 -2.35 -16.76 -30.24
C VAL B 46 -2.31 -17.27 -28.81
N ILE B 47 -3.23 -16.75 -28.01
CA ILE B 47 -3.51 -17.28 -26.68
C ILE B 47 -4.82 -18.05 -26.75
N PRO B 48 -4.72 -19.38 -26.70
CA PRO B 48 -5.83 -20.29 -26.99
C PRO B 48 -6.84 -20.36 -25.84
N PRO B 49 -8.07 -20.90 -26.09
CA PRO B 49 -9.11 -21.00 -25.08
C PRO B 49 -8.61 -21.58 -23.76
N GLY B 50 -8.96 -20.89 -22.67
CA GLY B 50 -8.51 -21.24 -21.31
C GLY B 50 -7.06 -21.64 -21.18
N ALA B 51 -6.17 -20.97 -21.92
CA ALA B 51 -4.73 -21.28 -21.92
C ALA B 51 -4.09 -21.35 -20.52
N PHE B 52 -4.43 -20.39 -19.67
CA PHE B 52 -3.86 -20.34 -18.32
C PHE B 52 -4.73 -20.94 -17.21
N SER B 53 -5.97 -21.30 -17.57
CA SER B 53 -6.97 -21.84 -16.67
C SER B 53 -6.53 -23.05 -15.83
N PRO B 54 -5.65 -23.94 -16.36
CA PRO B 54 -5.10 -25.04 -15.53
C PRO B 54 -4.21 -24.64 -14.32
N TYR B 55 -3.79 -23.38 -14.26
CA TYR B 55 -2.72 -22.94 -13.35
C TYR B 55 -3.25 -21.87 -12.42
N LYS B 56 -4.20 -22.27 -11.57
CA LYS B 56 -5.03 -21.32 -10.79
C LYS B 56 -4.25 -20.61 -9.69
N LYS B 57 -3.01 -21.02 -9.49
CA LYS B 57 -2.21 -20.39 -8.46
C LYS B 57 -1.27 -19.33 -9.04
N LEU B 58 -1.46 -19.03 -10.33
CA LEU B 58 -0.62 -18.05 -11.01
C LEU B 58 -0.84 -16.68 -10.44
N ARG B 59 0.30 -16.02 -10.21
CA ARG B 59 0.38 -14.68 -9.64
CA ARG B 59 0.33 -14.68 -9.65
C ARG B 59 0.86 -13.66 -10.66
N ARG B 60 1.73 -14.12 -11.57
CA ARG B 60 2.37 -13.25 -12.55
C ARG B 60 2.46 -13.97 -13.92
N ILE B 61 1.95 -13.31 -14.95
CA ILE B 61 2.09 -13.79 -16.33
C ILE B 61 2.72 -12.65 -17.11
N ASP B 62 3.83 -12.94 -17.78
CA ASP B 62 4.45 -12.00 -18.66
C ASP B 62 4.40 -12.54 -20.11
N LEU B 63 3.65 -11.85 -20.97
CA LEU B 63 3.49 -12.24 -22.36
C LEU B 63 3.99 -11.13 -23.28
N SER B 64 4.82 -10.25 -22.72
CA SER B 64 5.21 -9.07 -23.44
C SER B 64 6.18 -9.38 -24.57
N ASN B 65 6.17 -8.50 -25.58
CA ASN B 65 7.06 -8.65 -26.72
C ASN B 65 6.99 -10.03 -27.41
N ASN B 66 5.77 -10.42 -27.72
CA ASN B 66 5.48 -11.49 -28.60
C ASN B 66 4.88 -10.90 -29.85
N GLN B 67 4.02 -11.66 -30.53
CA GLN B 67 3.33 -11.22 -31.75
C GLN B 67 1.82 -11.53 -31.61
N ILE B 68 1.29 -11.39 -30.40
CA ILE B 68 -0.06 -11.85 -30.11
C ILE B 68 -1.06 -10.95 -30.83
N SER B 69 -1.87 -11.56 -31.70
CA SER B 69 -2.92 -10.82 -32.41
C SER B 69 -4.31 -11.39 -32.09
N GLU B 70 -4.34 -12.43 -31.27
CA GLU B 70 -5.58 -13.08 -30.93
C GLU B 70 -5.53 -13.74 -29.54
N LEU B 71 -6.53 -13.39 -28.72
CA LEU B 71 -6.66 -13.95 -27.36
C LEU B 71 -8.07 -14.43 -27.19
N ALA B 72 -8.21 -15.69 -26.78
CA ALA B 72 -9.51 -16.24 -26.45
C ALA B 72 -10.09 -15.48 -25.25
N PRO B 73 -11.43 -15.29 -25.20
CA PRO B 73 -11.96 -14.47 -24.10
C PRO B 73 -11.79 -15.13 -22.71
N ASP B 74 -11.72 -16.46 -22.67
CA ASP B 74 -11.46 -17.18 -21.42
C ASP B 74 -9.97 -17.55 -21.19
N ALA B 75 -9.04 -16.85 -21.84
CA ALA B 75 -7.59 -17.03 -21.72
C ALA B 75 -7.15 -17.00 -20.29
N PHE B 76 -7.75 -16.14 -19.48
CA PHE B 76 -7.32 -16.01 -18.06
C PHE B 76 -8.37 -16.39 -17.05
N GLN B 77 -9.32 -17.22 -17.48
CA GLN B 77 -10.45 -17.63 -16.67
C GLN B 77 -10.10 -18.47 -15.43
N GLY B 78 -10.63 -18.02 -14.29
CA GLY B 78 -10.39 -18.59 -12.97
C GLY B 78 -9.14 -18.11 -12.25
N LEU B 79 -8.32 -17.28 -12.91
CA LEU B 79 -7.05 -16.82 -12.31
C LEU B 79 -7.29 -15.76 -11.24
N ARG B 80 -8.01 -16.14 -10.19
CA ARG B 80 -8.51 -15.21 -9.15
C ARG B 80 -7.38 -14.61 -8.24
N SER B 81 -6.18 -15.22 -8.30
CA SER B 81 -4.98 -14.82 -7.52
C SER B 81 -3.96 -14.09 -8.37
N LEU B 82 -4.20 -14.02 -9.68
CA LEU B 82 -3.31 -13.31 -10.59
C LEU B 82 -3.11 -11.85 -10.17
N ASN B 83 -1.85 -11.47 -9.96
CA ASN B 83 -1.50 -10.12 -9.48
C ASN B 83 -1.01 -9.27 -10.63
N SER B 84 -0.32 -9.92 -11.54
CA SER B 84 0.25 -9.19 -12.67
C SER B 84 0.06 -9.87 -14.04
N LEU B 85 -0.49 -9.06 -14.93
CA LEU B 85 -0.71 -9.42 -16.33
C LEU B 85 0.02 -8.41 -17.26
N VAL B 86 1.09 -8.88 -17.90
CA VAL B 86 2.00 -8.00 -18.62
C VAL B 86 1.90 -8.38 -20.10
N LEU B 87 1.27 -7.51 -20.89
CA LEU B 87 0.95 -7.88 -22.30
C LEU B 87 1.46 -6.85 -23.31
N TYR B 88 2.45 -6.07 -22.89
CA TYR B 88 2.96 -4.98 -23.71
C TYR B 88 3.71 -5.48 -24.94
N GLY B 89 3.65 -4.69 -26.03
CA GLY B 89 4.52 -5.02 -27.17
C GLY B 89 4.03 -6.22 -27.96
N ASN B 90 2.72 -6.27 -28.18
CA ASN B 90 2.12 -7.29 -29.04
C ASN B 90 1.40 -6.65 -30.24
N LYS B 91 0.41 -7.36 -30.79
CA LYS B 91 -0.32 -6.90 -31.96
CA LYS B 91 -0.32 -6.91 -31.97
C LYS B 91 -1.82 -6.98 -31.68
N ILE B 92 -2.17 -6.72 -30.41
CA ILE B 92 -3.56 -6.85 -29.92
C ILE B 92 -4.42 -5.69 -30.43
N THR B 93 -5.56 -6.00 -31.04
CA THR B 93 -6.42 -4.97 -31.66
C THR B 93 -7.68 -4.68 -30.85
N GLU B 94 -8.14 -5.70 -30.15
CA GLU B 94 -9.40 -5.65 -29.42
C GLU B 94 -9.30 -6.57 -28.23
N LEU B 95 -9.94 -6.17 -27.13
CA LEU B 95 -9.95 -7.02 -25.94
C LEU B 95 -11.31 -7.71 -25.95
N PRO B 96 -11.34 -9.04 -26.17
CA PRO B 96 -12.69 -9.63 -26.26
C PRO B 96 -13.47 -9.47 -24.96
N LYS B 97 -14.80 -9.47 -25.04
CA LYS B 97 -15.61 -9.43 -23.84
CA LYS B 97 -15.60 -9.42 -23.83
C LYS B 97 -15.16 -10.51 -22.87
N SER B 98 -14.99 -10.11 -21.61
CA SER B 98 -14.65 -11.01 -20.51
C SER B 98 -13.20 -11.39 -20.40
N LEU B 99 -12.31 -10.82 -21.21
CA LEU B 99 -10.89 -11.17 -21.11
C LEU B 99 -10.35 -10.98 -19.70
N PHE B 100 -10.80 -9.92 -19.00
CA PHE B 100 -10.32 -9.66 -17.66
C PHE B 100 -11.35 -9.97 -16.57
N GLU B 101 -12.37 -10.78 -16.92
CA GLU B 101 -13.41 -11.19 -15.98
C GLU B 101 -12.78 -11.96 -14.84
N GLY B 102 -13.11 -11.58 -13.60
CA GLY B 102 -12.74 -12.36 -12.41
C GLY B 102 -11.33 -12.19 -11.89
N LEU B 103 -10.60 -11.20 -12.42
CA LEU B 103 -9.22 -10.94 -12.00
C LEU B 103 -9.18 -9.98 -10.81
N PHE B 104 -9.82 -10.39 -9.74
CA PHE B 104 -10.04 -9.55 -8.57
C PHE B 104 -8.78 -9.24 -7.77
N SER B 105 -7.69 -10.00 -7.97
CA SER B 105 -6.45 -9.69 -7.29
C SER B 105 -5.49 -8.88 -8.15
N LEU B 106 -5.85 -8.62 -9.41
CA LEU B 106 -4.91 -8.07 -10.36
C LEU B 106 -4.54 -6.69 -9.92
N GLN B 107 -3.26 -6.37 -9.90
CA GLN B 107 -2.77 -5.09 -9.42
C GLN B 107 -2.01 -4.37 -10.53
N LEU B 108 -1.48 -5.15 -11.49
CA LEU B 108 -0.74 -4.61 -12.64
C LEU B 108 -1.29 -5.15 -13.97
N LEU B 109 -1.69 -4.24 -14.86
CA LEU B 109 -2.09 -4.61 -16.26
C LEU B 109 -1.43 -3.67 -17.24
N LEU B 110 -0.52 -4.22 -18.05
CA LEU B 110 0.22 -3.41 -19.03
C LEU B 110 -0.29 -3.77 -20.43
N LEU B 111 -1.01 -2.86 -21.05
CA LEU B 111 -1.44 -3.18 -22.43
C LEU B 111 -0.80 -2.29 -23.48
N ASN B 112 0.26 -1.61 -23.05
CA ASN B 112 0.93 -0.61 -23.90
C ASN B 112 1.54 -1.22 -25.17
N ALA B 113 1.83 -0.36 -26.16
CA ALA B 113 2.47 -0.84 -27.42
C ALA B 113 1.71 -2.00 -28.08
N ASN B 114 0.40 -1.80 -28.25
CA ASN B 114 -0.42 -2.70 -29.04
C ASN B 114 -1.15 -1.91 -30.11
N LYS B 115 -2.21 -2.47 -30.68
CA LYS B 115 -3.02 -1.76 -31.68
C LYS B 115 -4.49 -1.64 -31.23
N ILE B 116 -4.67 -1.50 -29.92
CA ILE B 116 -6.03 -1.49 -29.35
C ILE B 116 -6.79 -0.22 -29.82
N ASN B 117 -7.90 -0.39 -30.54
CA ASN B 117 -8.60 0.80 -31.09
C ASN B 117 -9.84 1.18 -30.33
N LEU B 119 -12.15 0.28 -26.33
CA LEU B 119 -12.33 -0.41 -25.07
C LEU B 119 -13.80 -0.44 -24.79
N ARG B 120 -14.31 -1.64 -24.46
CA ARG B 120 -15.64 -1.81 -23.88
C ARG B 120 -15.73 -1.08 -22.53
N VAL B 121 -16.89 -0.47 -22.26
CA VAL B 121 -17.09 0.20 -20.97
C VAL B 121 -16.84 -0.75 -19.77
N ASP B 122 -17.04 -2.05 -20.02
CA ASP B 122 -16.83 -3.12 -19.03
C ASP B 122 -15.50 -3.88 -19.13
N ALA B 123 -14.51 -3.34 -19.88
CA ALA B 123 -13.18 -3.95 -20.05
C ALA B 123 -12.48 -4.26 -18.74
N PHE B 124 -12.76 -3.41 -17.75
CA PHE B 124 -12.09 -3.52 -16.47
C PHE B 124 -13.09 -3.65 -15.33
N GLN B 125 -14.25 -4.26 -15.62
CA GLN B 125 -15.34 -4.39 -14.69
C GLN B 125 -14.94 -4.99 -13.33
N ASP B 126 -14.03 -5.95 -13.33
CA ASP B 126 -13.65 -6.70 -12.14
C ASP B 126 -12.29 -6.31 -11.55
N LEU B 127 -11.66 -5.28 -12.08
CA LEU B 127 -10.29 -4.98 -11.71
C LEU B 127 -10.30 -4.00 -10.53
N HIS B 128 -11.02 -4.39 -9.47
CA HIS B 128 -11.30 -3.58 -8.31
C HIS B 128 -10.00 -3.13 -7.61
N ASN B 129 -8.99 -4.01 -7.66
CA ASN B 129 -7.75 -3.82 -6.93
C ASN B 129 -6.56 -3.40 -7.80
N LEU B 130 -6.81 -3.01 -9.04
CA LEU B 130 -5.73 -2.67 -9.95
C LEU B 130 -5.06 -1.36 -9.50
N ASN B 131 -3.73 -1.35 -9.47
CA ASN B 131 -2.99 -0.15 -9.05
C ASN B 131 -2.36 0.63 -10.20
N LEU B 132 -1.89 -0.13 -11.22
CA LEU B 132 -1.21 0.44 -12.42
C LEU B 132 -1.84 -0.14 -13.70
N LEU B 133 -2.39 0.74 -14.52
CA LEU B 133 -2.92 0.40 -15.84
C LEU B 133 -2.14 1.17 -16.89
N SER B 134 -1.54 0.45 -17.87
CA SER B 134 -1.02 1.14 -19.08
C SER B 134 -1.77 0.83 -20.37
N LEU B 135 -2.28 1.88 -21.03
CA LEU B 135 -2.72 1.81 -22.44
C LEU B 135 -1.91 2.70 -23.41
N TYR B 136 -0.76 3.18 -22.93
CA TYR B 136 0.19 3.98 -23.71
C TYR B 136 0.53 3.37 -25.09
N ASP B 137 0.53 4.19 -26.16
CA ASP B 137 0.84 3.68 -27.51
C ASP B 137 -0.14 2.61 -27.99
N ASN B 138 -1.40 2.99 -28.17
CA ASN B 138 -2.36 2.10 -28.82
C ASN B 138 -3.06 2.96 -29.90
N LYS B 139 -4.29 2.62 -30.33
CA LYS B 139 -5.02 3.44 -31.29
C LYS B 139 -6.36 3.96 -30.76
N LEU B 140 -6.43 4.26 -29.46
CA LEU B 140 -7.65 4.73 -28.83
C LEU B 140 -7.98 6.18 -29.17
N GLN B 141 -9.19 6.41 -29.65
CA GLN B 141 -9.59 7.75 -30.02
C GLN B 141 -10.46 8.37 -28.95
N THR B 142 -11.07 7.50 -28.16
CA THR B 142 -11.90 7.84 -27.02
C THR B 142 -11.83 6.72 -25.96
N ILE B 143 -12.28 7.05 -24.75
CA ILE B 143 -12.53 6.06 -23.70
C ILE B 143 -13.93 6.41 -23.25
N ALA B 144 -14.81 5.42 -23.27
CA ALA B 144 -16.18 5.62 -22.85
C ALA B 144 -16.33 5.98 -21.34
N LYS B 145 -17.09 7.01 -21.04
CA LYS B 145 -17.44 7.34 -19.67
C LYS B 145 -17.95 6.10 -18.95
N GLY B 146 -17.32 5.77 -17.83
CA GLY B 146 -17.70 4.59 -17.04
C GLY B 146 -16.65 3.51 -17.03
N THR B 147 -15.72 3.56 -17.99
CA THR B 147 -14.68 2.51 -18.13
C THR B 147 -13.78 2.53 -16.89
N PHE B 148 -13.67 3.68 -16.24
CA PHE B 148 -12.80 3.75 -15.08
C PHE B 148 -13.51 3.50 -13.74
N SER B 149 -14.85 3.51 -13.75
CA SER B 149 -15.65 3.34 -12.52
C SER B 149 -15.31 2.14 -11.62
N PRO B 150 -15.00 0.96 -12.21
CA PRO B 150 -14.65 -0.22 -11.40
C PRO B 150 -13.28 -0.11 -10.74
N LEU B 151 -12.47 0.86 -11.16
CA LEU B 151 -11.07 0.93 -10.82
C LEU B 151 -10.87 1.66 -9.51
N ARG B 152 -11.29 1.02 -8.43
CA ARG B 152 -11.38 1.74 -7.17
CA ARG B 152 -11.43 1.63 -7.10
C ARG B 152 -10.09 1.78 -6.39
N ALA B 153 -9.08 1.04 -6.87
CA ALA B 153 -7.75 1.09 -6.23
C ALA B 153 -6.66 1.71 -7.10
N ILE B 154 -7.02 2.27 -8.24
CA ILE B 154 -6.04 2.75 -9.22
C ILE B 154 -5.19 3.91 -8.70
N GLN B 155 -3.90 3.82 -8.95
CA GLN B 155 -2.91 4.76 -8.42
C GLN B 155 -2.16 5.45 -9.58
N THR B 156 -1.97 4.75 -10.71
CA THR B 156 -1.22 5.26 -11.84
C THR B 156 -1.89 4.77 -13.10
N MET B 157 -1.94 5.64 -14.12
CA MET B 157 -2.30 5.29 -15.51
C MET B 157 -1.28 5.82 -16.52
N HIS B 158 -0.97 5.03 -17.55
CA HIS B 158 -0.23 5.54 -18.70
C HIS B 158 -1.18 5.54 -19.90
N LEU B 159 -1.60 6.72 -20.36
CA LEU B 159 -2.61 6.84 -21.43
C LEU B 159 -2.10 7.56 -22.72
N ALA B 160 -0.85 8.03 -22.70
CA ALA B 160 -0.27 8.79 -23.83
C ALA B 160 -0.05 7.97 -25.11
N GLN B 161 0.36 8.64 -26.19
CA GLN B 161 0.57 7.98 -27.50
C GLN B 161 -0.70 7.26 -28.00
N ASN B 162 -1.83 7.95 -27.77
CA ASN B 162 -3.08 7.54 -28.34
C ASN B 162 -3.67 8.73 -29.03
N PRO B 163 -4.30 8.51 -30.18
CA PRO B 163 -4.92 9.54 -31.00
C PRO B 163 -6.22 10.07 -30.44
N PHE B 164 -6.20 10.61 -29.22
CA PHE B 164 -7.44 10.99 -28.55
C PHE B 164 -8.07 12.19 -29.20
N ILE B 165 -9.39 12.11 -29.34
CA ILE B 165 -10.23 13.18 -29.85
C ILE B 165 -10.90 13.76 -28.64
N CYS B 166 -10.55 15.02 -28.37
CA CYS B 166 -10.95 15.68 -27.15
C CYS B 166 -12.24 16.44 -27.40
N ASP B 167 -13.32 15.68 -27.48
CA ASP B 167 -14.61 16.26 -27.75
C ASP B 167 -15.52 16.04 -26.53
N CYS B 168 -16.81 16.26 -26.69
CA CYS B 168 -17.69 16.22 -25.51
C CYS B 168 -17.69 14.83 -24.87
N HIS B 169 -17.27 13.83 -25.63
CA HIS B 169 -17.29 12.44 -25.20
C HIS B 169 -16.07 12.04 -24.39
N LEU B 170 -15.03 12.88 -24.41
CA LEU B 170 -13.87 12.71 -23.55
C LEU B 170 -13.81 13.72 -22.40
N LYS B 171 -14.80 14.60 -22.29
CA LYS B 171 -14.89 15.63 -21.22
C LYS B 171 -14.82 15.01 -19.81
N TRP B 172 -15.51 13.89 -19.61
CA TRP B 172 -15.39 13.13 -18.36
C TRP B 172 -13.93 12.81 -17.98
N LEU B 173 -13.07 12.60 -18.97
CA LEU B 173 -11.70 12.15 -18.69
C LEU B 173 -10.85 13.34 -18.18
N ALA B 174 -11.11 14.51 -18.74
CA ALA B 174 -10.54 15.73 -18.22
C ALA B 174 -10.94 15.97 -16.77
N ASP B 175 -12.25 15.85 -16.46
CA ASP B 175 -12.76 15.90 -15.08
C ASP B 175 -12.17 14.81 -14.15
N TYR B 176 -12.18 13.56 -14.61
CA TYR B 176 -11.60 12.44 -13.85
C TYR B 176 -10.15 12.75 -13.47
N LEU B 177 -9.41 13.32 -14.42
CA LEU B 177 -7.96 13.54 -14.21
C LEU B 177 -7.67 14.78 -13.39
N HIS B 178 -8.54 15.80 -13.48
CA HIS B 178 -8.49 16.92 -12.55
C HIS B 178 -8.63 16.44 -11.12
N THR B 179 -9.63 15.61 -10.83
CA THR B 179 -9.85 15.16 -9.47
C THR B 179 -8.82 14.12 -9.03
N ASN B 180 -8.47 13.22 -9.94
CA ASN B 180 -7.44 12.18 -9.74
C ASN B 180 -6.30 12.35 -10.74
N PRO B 181 -5.30 13.20 -10.45
CA PRO B 181 -4.28 13.45 -11.46
C PRO B 181 -3.19 12.34 -11.48
N ILE B 182 -3.58 11.16 -11.98
CA ILE B 182 -2.77 9.94 -11.88
C ILE B 182 -2.23 9.49 -13.26
N GLU B 183 -2.53 10.27 -14.30
CA GLU B 183 -1.97 10.00 -15.64
C GLU B 183 -0.54 10.62 -15.75
N THR B 184 0.48 9.78 -15.86
CA THR B 184 1.85 10.19 -15.68
C THR B 184 2.71 10.13 -16.97
N SER B 185 2.10 9.84 -18.12
CA SER B 185 2.88 9.68 -19.35
C SER B 185 2.68 10.85 -20.33
N GLY B 186 1.90 11.84 -19.92
CA GLY B 186 1.76 13.08 -20.69
C GLY B 186 0.81 13.00 -21.86
N ALA B 187 -0.35 12.36 -21.65
CA ALA B 187 -1.33 12.13 -22.70
C ALA B 187 -1.87 13.40 -23.29
N ARG B 188 -1.98 13.36 -24.62
CA ARG B 188 -2.35 14.54 -25.43
C ARG B 188 -3.55 14.26 -26.31
N CYS B 189 -4.28 15.32 -26.63
CA CYS B 189 -5.25 15.30 -27.74
C CYS B 189 -4.50 15.27 -29.06
N THR B 190 -5.10 14.63 -30.07
CA THR B 190 -4.61 14.79 -31.44
C THR B 190 -5.68 15.46 -32.31
N SER B 191 -6.88 15.59 -31.78
CA SER B 191 -8.00 16.21 -32.49
C SER B 191 -8.99 16.78 -31.47
N PRO B 192 -9.67 17.91 -31.78
CA PRO B 192 -9.69 18.76 -32.97
C PRO B 192 -8.37 19.53 -33.09
N ARG B 193 -8.12 20.09 -34.27
CA ARG B 193 -6.87 20.82 -34.56
CA ARG B 193 -6.84 20.78 -34.54
C ARG B 193 -6.54 21.86 -33.49
N ARG B 194 -7.58 22.49 -32.93
N ARG B 194 -7.60 22.49 -32.98
CA ARG B 194 -7.41 23.51 -31.88
CA ARG B 194 -7.53 23.46 -31.89
C ARG B 194 -6.76 22.95 -30.61
C ARG B 194 -6.76 22.93 -30.68
N LEU B 195 -7.11 21.72 -30.24
CA LEU B 195 -6.60 21.14 -29.01
C LEU B 195 -5.45 20.22 -29.30
N ALA B 196 -5.11 20.09 -30.58
CA ALA B 196 -4.10 19.12 -31.05
C ALA B 196 -2.72 19.24 -30.39
N ASN B 197 -2.21 18.10 -29.91
CA ASN B 197 -0.91 17.97 -29.23
CA ASN B 197 -0.92 17.94 -29.23
C ASN B 197 -0.83 18.64 -27.86
N LYS B 198 -1.96 19.14 -27.35
CA LYS B 198 -2.05 19.68 -26.01
C LYS B 198 -2.27 18.56 -24.99
N ARG B 199 -1.62 18.68 -23.83
CA ARG B 199 -1.76 17.68 -22.74
C ARG B 199 -3.18 17.63 -22.19
N ILE B 200 -3.77 16.43 -22.07
CA ILE B 200 -5.15 16.34 -21.58
C ILE B 200 -5.31 16.89 -20.14
N GLY B 201 -4.23 16.81 -19.36
CA GLY B 201 -4.21 17.35 -17.99
C GLY B 201 -4.18 18.87 -17.89
N GLN B 202 -3.83 19.53 -18.98
CA GLN B 202 -3.67 20.99 -19.04
C GLN B 202 -4.81 21.68 -19.78
N ILE B 203 -5.92 21.00 -20.03
CA ILE B 203 -7.00 21.64 -20.80
C ILE B 203 -8.22 21.79 -19.94
N LYS B 204 -8.75 23.03 -19.82
CA LYS B 204 -9.96 23.25 -19.04
C LYS B 204 -11.12 22.42 -19.60
N SER B 205 -11.87 21.77 -18.70
CA SER B 205 -12.97 20.88 -19.07
C SER B 205 -13.86 21.39 -20.19
N LYS B 206 -14.27 22.65 -20.06
CA LYS B 206 -15.21 23.32 -20.97
C LYS B 206 -14.81 23.27 -22.46
N LYS B 207 -13.51 23.08 -22.76
CA LYS B 207 -12.97 23.09 -24.14
C LYS B 207 -13.22 21.76 -24.86
N PHE B 208 -13.67 20.77 -24.10
CA PHE B 208 -14.03 19.46 -24.63
C PHE B 208 -15.48 19.56 -25.14
N ARG B 209 -15.62 19.96 -26.40
CA ARG B 209 -16.94 20.27 -27.00
C ARG B 209 -17.35 19.36 -28.15
N CYS B 210 -18.66 19.24 -28.35
CA CYS B 210 -19.24 18.80 -29.62
C CYS B 210 -20.16 19.92 -30.11
N HIS C 4 3.08 41.04 1.64
CA HIS C 4 3.61 39.64 1.72
C HIS C 4 3.69 38.94 0.37
N CYS C 5 2.71 39.23 -0.48
CA CYS C 5 2.68 38.73 -1.84
C CYS C 5 3.62 39.58 -2.69
N PRO C 6 4.57 38.95 -3.42
CA PRO C 6 5.47 39.78 -4.19
C PRO C 6 4.71 40.63 -5.21
N ALA C 7 5.23 41.82 -5.48
CA ALA C 7 4.60 42.72 -6.43
C ALA C 7 4.30 42.02 -7.75
N ALA C 8 5.26 41.24 -8.24
CA ALA C 8 5.16 40.57 -9.52
C ALA C 8 4.38 39.24 -9.54
N CYS C 9 3.84 38.82 -8.39
CA CYS C 9 3.10 37.55 -8.31
C CYS C 9 1.64 37.75 -7.88
N THR C 10 0.82 36.71 -8.11
CA THR C 10 -0.55 36.58 -7.56
C THR C 10 -0.59 35.57 -6.40
N CYS C 11 -1.32 35.92 -5.34
CA CYS C 11 -1.42 35.04 -4.18
C CYS C 11 -2.89 34.79 -3.85
N SER C 12 -3.31 33.54 -4.01
CA SER C 12 -4.71 33.15 -3.84
CA SER C 12 -4.71 33.15 -3.85
C SER C 12 -4.80 31.79 -3.15
N ASN C 13 -5.58 31.73 -2.07
CA ASN C 13 -5.75 30.53 -1.20
C ASN C 13 -4.55 29.59 -1.13
N ASN C 14 -3.48 30.16 -0.60
CA ASN C 14 -2.20 29.47 -0.31
C ASN C 14 -1.34 29.03 -1.49
N ILE C 15 -1.64 29.59 -2.64
CA ILE C 15 -0.86 29.36 -3.83
C ILE C 15 -0.13 30.66 -4.20
N VAL C 16 1.18 30.58 -4.42
CA VAL C 16 1.93 31.77 -4.85
C VAL C 16 2.30 31.54 -6.33
N ASP C 17 1.79 32.41 -7.21
CA ASP C 17 1.91 32.21 -8.67
C ASP C 17 2.75 33.30 -9.30
N CYS C 18 3.98 32.92 -9.64
CA CYS C 18 5.00 33.83 -10.17
C CYS C 18 5.47 33.46 -11.58
N ARG C 19 4.70 32.61 -12.27
CA ARG C 19 5.01 32.16 -13.64
CA ARG C 19 5.05 32.17 -13.63
C ARG C 19 5.26 33.32 -14.60
N GLY C 20 6.38 33.25 -15.32
CA GLY C 20 6.69 34.14 -16.42
C GLY C 20 6.80 35.62 -16.13
N LYS C 21 7.44 35.96 -15.02
CA LYS C 21 7.49 37.32 -14.53
C LYS C 21 8.91 37.93 -14.51
N GLY C 22 9.83 37.26 -15.19
CA GLY C 22 11.22 37.68 -15.31
C GLY C 22 11.95 37.70 -13.97
N LEU C 23 11.59 36.76 -13.08
CA LEU C 23 12.18 36.77 -11.74
C LEU C 23 13.58 36.23 -11.82
N THR C 24 14.50 36.88 -11.13
CA THR C 24 15.91 36.49 -11.17
C THR C 24 16.33 35.76 -9.91
N GLU C 25 15.47 35.79 -8.89
CA GLU C 25 15.73 35.13 -7.62
C GLU C 25 14.43 34.62 -7.06
N ILE C 26 14.52 33.65 -6.17
CA ILE C 26 13.34 33.18 -5.45
C ILE C 26 12.86 34.29 -4.51
N PRO C 27 11.57 34.63 -4.58
CA PRO C 27 11.05 35.68 -3.71
C PRO C 27 11.11 35.24 -2.27
N THR C 28 11.12 36.20 -1.34
CA THR C 28 11.20 35.90 0.09
C THR C 28 10.07 36.60 0.85
N ASN C 29 10.02 36.31 2.16
CA ASN C 29 8.96 36.79 3.08
CA ASN C 29 8.98 36.84 3.04
C ASN C 29 7.54 36.48 2.58
N LEU C 30 7.35 35.27 2.09
CA LEU C 30 6.00 34.85 1.67
C LEU C 30 5.19 34.35 2.87
N PRO C 31 3.85 34.31 2.75
CA PRO C 31 3.08 33.76 3.87
C PRO C 31 3.52 32.34 4.25
N GLU C 32 3.68 32.13 5.54
CA GLU C 32 4.11 30.85 6.13
C GLU C 32 3.16 29.67 5.86
N THR C 33 1.92 29.96 5.46
CA THR C 33 0.88 28.94 5.22
C THR C 33 0.83 28.38 3.81
N ILE C 34 1.67 28.87 2.91
CA ILE C 34 1.54 28.46 1.50
C ILE C 34 1.70 26.94 1.25
N THR C 35 0.90 26.41 0.33
CA THR C 35 0.93 25.01 -0.04
C THR C 35 1.52 24.79 -1.41
N GLU C 36 1.58 25.85 -2.23
CA GLU C 36 2.17 25.71 -3.57
C GLU C 36 2.86 26.96 -4.03
N ILE C 37 4.01 26.76 -4.66
CA ILE C 37 4.78 27.88 -5.22
C ILE C 37 5.05 27.64 -6.72
N ARG C 38 4.57 28.55 -7.57
CA ARG C 38 4.72 28.44 -9.02
C ARG C 38 5.77 29.43 -9.52
N LEU C 39 6.97 28.91 -9.80
CA LEU C 39 8.10 29.75 -10.20
C LEU C 39 8.64 29.41 -11.57
N GLU C 40 7.87 28.63 -12.32
CA GLU C 40 8.28 28.20 -13.65
C GLU C 40 8.45 29.40 -14.62
N GLN C 41 9.33 29.26 -15.60
CA GLN C 41 9.52 30.25 -16.70
C GLN C 41 10.01 31.65 -16.24
N ASN C 42 10.97 31.65 -15.33
CA ASN C 42 11.62 32.89 -14.93
C ASN C 42 13.08 32.80 -15.37
N THR C 43 13.97 33.59 -14.76
CA THR C 43 15.40 33.45 -15.01
C THR C 43 16.19 33.22 -13.72
N ILE C 44 15.63 32.41 -12.84
CA ILE C 44 16.32 31.91 -11.67
C ILE C 44 17.54 31.02 -12.07
N LYS C 45 18.70 31.30 -11.46
CA LYS C 45 19.93 30.58 -11.80
C LYS C 45 20.43 29.70 -10.64
N VAL C 46 20.06 30.12 -9.43
CA VAL C 46 20.58 29.51 -8.21
C VAL C 46 19.44 29.31 -7.21
N ILE C 47 19.43 28.16 -6.53
CA ILE C 47 18.50 27.96 -5.41
C ILE C 47 19.34 28.04 -4.11
N PRO C 48 19.15 29.09 -3.32
CA PRO C 48 20.03 29.38 -2.19
C PRO C 48 19.73 28.50 -0.95
N PRO C 49 20.62 28.49 0.06
CA PRO C 49 20.40 27.68 1.27
C PRO C 49 19.03 27.85 1.89
N GLY C 50 18.39 26.73 2.21
CA GLY C 50 17.07 26.75 2.83
C GLY C 50 16.07 27.64 2.14
N ALA C 51 16.14 27.72 0.81
CA ALA C 51 15.28 28.65 0.04
C ALA C 51 13.80 28.46 0.35
N PHE C 52 13.36 27.21 0.44
CA PHE C 52 11.96 26.88 0.64
C PHE C 52 11.59 26.46 2.06
N SER C 53 12.59 26.27 2.91
CA SER C 53 12.44 25.85 4.32
C SER C 53 11.45 26.63 5.20
N PRO C 54 11.31 27.97 5.00
CA PRO C 54 10.36 28.67 5.89
C PRO C 54 8.94 28.15 5.71
N TYR C 55 8.70 27.47 4.59
CA TYR C 55 7.36 27.12 4.14
C TYR C 55 7.06 25.62 4.20
N LYS C 56 6.94 25.12 5.44
CA LYS C 56 6.79 23.69 5.76
C LYS C 56 5.47 23.00 5.31
N LYS C 57 4.47 23.80 5.02
CA LYS C 57 3.20 23.33 4.55
C LYS C 57 3.23 23.09 3.04
N LEU C 58 4.36 23.40 2.37
CA LEU C 58 4.46 23.24 0.88
C LEU C 58 4.19 21.84 0.39
N ARG C 59 3.29 21.74 -0.60
CA ARG C 59 2.95 20.44 -1.20
C ARG C 59 3.46 20.35 -2.63
N ARG C 60 3.57 21.51 -3.28
CA ARG C 60 4.06 21.57 -4.66
C ARG C 60 4.96 22.81 -4.92
N ILE C 61 6.12 22.53 -5.48
CA ILE C 61 7.09 23.53 -5.99
C ILE C 61 7.38 23.31 -7.49
N ASP C 62 7.11 24.34 -8.29
CA ASP C 62 7.40 24.28 -9.72
C ASP C 62 8.52 25.28 -10.01
N LEU C 63 9.71 24.75 -10.35
CA LEU C 63 10.81 25.60 -10.81
C LEU C 63 11.22 25.30 -12.25
N SER C 64 10.29 24.75 -13.01
CA SER C 64 10.59 24.35 -14.37
C SER C 64 10.87 25.54 -15.26
N ASN C 65 11.69 25.28 -16.28
CA ASN C 65 12.01 26.28 -17.32
C ASN C 65 12.59 27.59 -16.77
N ASN C 66 13.52 27.43 -15.83
CA ASN C 66 14.38 28.49 -15.40
C ASN C 66 15.77 28.26 -16.00
N GLN C 67 16.83 28.76 -15.39
CA GLN C 67 18.18 28.43 -15.87
C GLN C 67 19.06 27.99 -14.71
N ILE C 68 18.50 27.14 -13.86
CA ILE C 68 19.13 26.74 -12.60
C ILE C 68 20.30 25.82 -12.91
N SER C 69 21.47 26.27 -12.48
CA SER C 69 22.71 25.51 -12.53
C SER C 69 23.22 25.12 -11.12
N GLU C 70 22.74 25.80 -10.07
CA GLU C 70 23.26 25.55 -8.74
C GLU C 70 22.14 25.44 -7.70
N LEU C 71 22.18 24.35 -6.92
CA LEU C 71 21.21 24.16 -5.84
C LEU C 71 21.93 23.98 -4.52
N ALA C 72 21.53 24.75 -3.51
CA ALA C 72 22.08 24.50 -2.17
C ALA C 72 21.53 23.15 -1.73
N PRO C 73 22.32 22.37 -0.97
CA PRO C 73 21.87 21.00 -0.53
C PRO C 73 20.61 21.02 0.37
N ASP C 74 20.42 22.10 1.14
CA ASP C 74 19.25 22.31 1.99
C ASP C 74 18.17 23.23 1.37
N ALA C 75 18.08 23.30 0.04
CA ALA C 75 17.07 24.13 -0.65
C ALA C 75 15.66 23.76 -0.19
N PHE C 76 15.48 22.46 0.05
CA PHE C 76 14.20 21.90 0.39
C PHE C 76 14.14 21.34 1.80
N GLN C 77 15.07 21.73 2.68
CA GLN C 77 15.17 21.12 3.99
C GLN C 77 13.91 21.32 4.77
N GLY C 78 13.43 20.22 5.35
CA GLY C 78 12.31 20.21 6.29
C GLY C 78 10.94 20.05 5.64
N LEU C 79 10.90 19.94 4.32
CA LEU C 79 9.62 19.88 3.62
C LEU C 79 9.03 18.46 3.58
N ARG C 80 8.59 18.00 4.74
CA ARG C 80 8.08 16.64 4.92
C ARG C 80 6.76 16.38 4.21
N SER C 81 6.04 17.45 3.84
CA SER C 81 4.72 17.38 3.20
C SER C 81 4.76 17.63 1.68
N LEU C 82 5.91 18.03 1.15
CA LEU C 82 6.09 18.19 -0.31
C LEU C 82 5.74 16.93 -1.12
N ASN C 83 4.81 17.05 -2.08
CA ASN C 83 4.36 15.91 -2.87
C ASN C 83 4.92 16.00 -4.28
N SER C 84 5.10 17.22 -4.75
CA SER C 84 5.50 17.40 -6.12
C SER C 84 6.64 18.41 -6.25
N LEU C 85 7.74 17.98 -6.87
CA LEU C 85 8.94 18.81 -7.07
C LEU C 85 9.23 18.85 -8.54
N VAL C 86 8.98 20.01 -9.19
CA VAL C 86 9.09 20.13 -10.65
C VAL C 86 10.31 21.02 -10.98
N LEU C 87 11.32 20.38 -11.58
CA LEU C 87 12.65 20.98 -11.81
C LEU C 87 13.09 20.86 -13.29
N TYR C 88 12.19 20.43 -14.18
CA TYR C 88 12.54 20.20 -15.56
C TYR C 88 12.90 21.46 -16.33
N GLY C 89 13.72 21.28 -17.38
CA GLY C 89 14.10 22.36 -18.28
C GLY C 89 14.89 23.42 -17.55
N ASN C 90 15.92 22.97 -16.82
CA ASN C 90 16.89 23.88 -16.20
C ASN C 90 18.31 23.51 -16.68
N LYS C 91 19.35 23.90 -15.96
CA LYS C 91 20.76 23.69 -16.44
C LYS C 91 21.57 22.90 -15.40
N ILE C 92 20.85 22.03 -14.70
CA ILE C 92 21.40 21.28 -13.60
CA ILE C 92 21.50 21.32 -13.60
C ILE C 92 22.33 20.20 -14.17
N THR C 93 23.54 20.09 -13.64
CA THR C 93 24.55 19.09 -14.06
C THR C 93 24.81 18.02 -13.01
N GLU C 94 24.68 18.38 -11.74
CA GLU C 94 24.73 17.41 -10.65
C GLU C 94 23.87 17.88 -9.48
N LEU C 95 23.42 16.92 -8.68
CA LEU C 95 22.67 17.26 -7.49
C LEU C 95 23.61 17.15 -6.28
N PRO C 96 23.60 18.17 -5.41
CA PRO C 96 24.46 18.03 -4.23
C PRO C 96 23.95 16.91 -3.31
N LYS C 97 24.88 16.32 -2.55
CA LYS C 97 24.52 15.42 -1.45
C LYS C 97 23.39 16.02 -0.60
N SER C 98 22.35 15.20 -0.34
CA SER C 98 21.25 15.54 0.57
C SER C 98 20.15 16.38 -0.04
N LEU C 99 20.22 16.71 -1.34
CA LEU C 99 19.22 17.57 -1.99
C LEU C 99 17.78 17.12 -1.72
N PHE C 100 17.54 15.82 -1.79
CA PHE C 100 16.20 15.30 -1.56
C PHE C 100 16.09 14.62 -0.20
N GLU C 101 16.93 15.05 0.74
CA GLU C 101 16.85 14.50 2.11
C GLU C 101 15.58 14.97 2.81
N GLY C 102 14.88 14.02 3.45
CA GLY C 102 13.75 14.40 4.31
C GLY C 102 12.48 14.71 3.55
N LEU C 103 12.47 14.45 2.24
CA LEU C 103 11.26 14.73 1.45
C LEU C 103 10.36 13.49 1.46
N PHE C 104 9.93 13.11 2.67
CA PHE C 104 9.35 11.78 2.87
C PHE C 104 8.04 11.52 2.14
N SER C 105 7.25 12.58 1.89
CA SER C 105 5.95 12.48 1.14
C SER C 105 6.03 12.63 -0.38
N LEU C 106 7.22 12.91 -0.92
CA LEU C 106 7.36 13.27 -2.35
C LEU C 106 6.80 12.15 -3.19
N GLN C 107 5.90 12.49 -4.13
CA GLN C 107 5.28 11.51 -4.98
C GLN C 107 5.75 11.63 -6.42
N LEU C 108 6.17 12.84 -6.81
CA LEU C 108 6.50 13.18 -8.17
C LEU C 108 7.82 13.96 -8.16
N LEU C 109 8.80 13.49 -8.92
CA LEU C 109 10.08 14.22 -9.07
C LEU C 109 10.46 14.36 -10.52
N LEU C 110 10.38 15.59 -11.05
CA LEU C 110 10.66 15.82 -12.49
C LEU C 110 11.99 16.59 -12.68
N LEU C 111 12.97 15.87 -13.19
CA LEU C 111 14.31 16.34 -13.40
C LEU C 111 14.69 16.26 -14.87
N ASN C 112 13.73 15.94 -15.72
CA ASN C 112 13.93 15.87 -17.16
C ASN C 112 14.48 17.19 -17.81
N ALA C 113 15.15 17.05 -18.95
CA ALA C 113 15.59 18.23 -19.72
C ALA C 113 16.52 19.07 -18.89
N ASN C 114 17.49 18.41 -18.28
CA ASN C 114 18.58 19.07 -17.61
C ASN C 114 19.91 18.67 -18.25
N LYS C 115 21.05 18.90 -17.61
CA LYS C 115 22.30 18.38 -18.15
CA LYS C 115 22.33 18.41 -18.11
C LYS C 115 22.96 17.39 -17.17
N ILE C 116 22.13 16.59 -16.51
CA ILE C 116 22.68 15.78 -15.41
C ILE C 116 23.62 14.65 -15.89
N ASN C 117 24.85 14.65 -15.39
CA ASN C 117 25.81 13.67 -15.88
C ASN C 117 26.12 12.59 -14.88
N LEU C 119 24.39 10.69 -10.85
CA LEU C 119 23.54 10.64 -9.67
C LEU C 119 24.29 9.87 -8.58
N ARG C 120 24.25 10.42 -7.37
CA ARG C 120 24.62 9.71 -6.18
C ARG C 120 23.67 8.52 -5.93
N VAL C 121 24.24 7.43 -5.41
CA VAL C 121 23.46 6.25 -5.00
C VAL C 121 22.42 6.60 -3.90
N ASP C 122 22.80 7.51 -3.00
CA ASP C 122 21.89 8.08 -1.99
C ASP C 122 20.95 9.20 -2.50
N ALA C 123 20.86 9.41 -3.82
CA ALA C 123 20.08 10.53 -4.34
C ALA C 123 18.61 10.46 -3.94
N PHE C 124 18.01 9.27 -3.90
CA PHE C 124 16.59 9.19 -3.60
C PHE C 124 16.34 8.43 -2.28
N GLN C 125 17.33 8.51 -1.40
CA GLN C 125 17.35 7.68 -0.21
CA GLN C 125 17.37 7.73 -0.17
C GLN C 125 16.04 7.66 0.58
N ASP C 126 15.38 8.82 0.70
CA ASP C 126 14.21 8.95 1.55
C ASP C 126 12.91 8.97 0.76
N LEU C 127 12.99 8.60 -0.52
CA LEU C 127 11.87 8.86 -1.43
C LEU C 127 10.91 7.69 -1.60
N HIS C 128 10.52 7.14 -0.45
CA HIS C 128 9.82 5.83 -0.41
C HIS C 128 8.42 5.89 -0.96
N ASN C 129 7.88 7.10 -1.04
CA ASN C 129 6.55 7.25 -1.52
C ASN C 129 6.54 7.78 -2.97
N LEU C 130 7.71 7.78 -3.61
CA LEU C 130 7.78 8.36 -4.96
C LEU C 130 7.06 7.46 -5.96
N ASN C 131 6.10 8.02 -6.69
CA ASN C 131 5.33 7.29 -7.73
CA ASN C 131 5.44 7.20 -7.71
C ASN C 131 5.90 7.51 -9.12
N LEU C 132 6.43 8.72 -9.31
CA LEU C 132 6.87 9.16 -10.63
C LEU C 132 8.22 9.85 -10.57
N LEU C 133 9.15 9.29 -11.32
CA LEU C 133 10.47 9.88 -11.53
C LEU C 133 10.72 10.13 -13.01
N SER C 134 11.18 11.35 -13.36
CA SER C 134 11.68 11.52 -14.69
C SER C 134 13.12 12.08 -14.73
N LEU C 135 14.02 11.33 -15.39
CA LEU C 135 15.44 11.66 -15.69
C LEU C 135 15.68 11.72 -17.22
N TYR C 136 14.58 11.69 -17.97
CA TYR C 136 14.58 11.78 -19.44
C TYR C 136 15.34 13.03 -19.96
N ASP C 137 16.14 12.88 -21.01
CA ASP C 137 16.82 14.04 -21.59
C ASP C 137 17.78 14.71 -20.59
N ASN C 138 18.79 13.96 -20.22
CA ASN C 138 19.84 14.44 -19.38
C ASN C 138 21.15 13.91 -20.02
N LYS C 139 22.26 13.89 -19.31
CA LYS C 139 23.45 13.38 -19.94
C LYS C 139 23.96 12.16 -19.20
N LEU C 140 23.08 11.29 -18.70
CA LEU C 140 23.50 10.13 -17.89
C LEU C 140 24.09 9.01 -18.74
N GLN C 141 25.27 8.52 -18.37
CA GLN C 141 25.89 7.35 -18.98
C GLN C 141 25.63 6.07 -18.20
N THR C 142 25.34 6.22 -16.90
CA THR C 142 25.14 5.10 -16.00
C THR C 142 24.29 5.51 -14.81
N ILE C 143 23.69 4.52 -14.16
CA ILE C 143 23.06 4.74 -12.86
C ILE C 143 23.67 3.67 -11.97
N ALA C 144 24.25 4.12 -10.86
CA ALA C 144 24.88 3.23 -9.90
C ALA C 144 23.86 2.33 -9.22
N LYS C 145 24.23 1.07 -9.10
CA LYS C 145 23.42 0.05 -8.48
C LYS C 145 23.09 0.45 -7.08
N GLY C 146 21.82 0.30 -6.71
CA GLY C 146 21.38 0.74 -5.42
C GLY C 146 20.64 2.07 -5.44
N THR C 147 20.80 2.84 -6.51
CA THR C 147 20.15 4.17 -6.64
C THR C 147 18.62 4.11 -6.58
N PHE C 148 18.03 3.02 -7.11
CA PHE C 148 16.59 2.83 -7.12
C PHE C 148 16.06 1.95 -5.98
N SER C 149 16.95 1.28 -5.22
CA SER C 149 16.59 0.53 -4.01
C SER C 149 15.52 1.21 -3.09
N PRO C 150 15.67 2.53 -2.79
CA PRO C 150 14.69 3.16 -1.90
C PRO C 150 13.27 3.26 -2.43
N LEU C 151 13.07 3.03 -3.73
CA LEU C 151 11.89 3.53 -4.48
C LEU C 151 10.72 2.54 -4.45
N ARG C 152 10.22 2.34 -3.24
CA ARG C 152 9.23 1.29 -2.95
C ARG C 152 7.98 1.51 -3.77
N ALA C 153 7.58 2.78 -3.92
CA ALA C 153 6.28 3.08 -4.50
C ALA C 153 6.28 3.43 -6.01
N ILE C 154 7.44 3.35 -6.66
CA ILE C 154 7.61 3.78 -8.05
C ILE C 154 6.67 3.00 -9.01
N GLN C 155 5.91 3.75 -9.80
CA GLN C 155 5.00 3.21 -10.79
C GLN C 155 5.24 3.74 -12.20
N THR C 156 5.97 4.87 -12.31
CA THR C 156 6.35 5.41 -13.62
C THR C 156 7.80 5.84 -13.55
N MET C 157 8.60 5.45 -14.54
CA MET C 157 9.89 6.07 -14.72
C MET C 157 10.11 6.49 -16.15
N HIS C 158 10.50 7.76 -16.35
CA HIS C 158 11.00 8.24 -17.63
C HIS C 158 12.52 8.42 -17.62
N LEU C 159 13.20 7.57 -18.41
CA LEU C 159 14.69 7.43 -18.37
C LEU C 159 15.39 7.64 -19.72
N ALA C 160 14.61 7.81 -20.79
CA ALA C 160 15.16 7.81 -22.15
C ALA C 160 15.82 9.15 -22.50
N GLN C 161 16.45 9.22 -23.69
CA GLN C 161 17.22 10.39 -24.14
C GLN C 161 18.35 10.70 -23.15
N ASN C 162 19.08 9.64 -22.78
CA ASN C 162 20.30 9.69 -21.97
C ASN C 162 21.31 8.80 -22.69
N PRO C 163 22.56 9.18 -22.72
CA PRO C 163 23.56 8.39 -23.45
C PRO C 163 24.06 7.18 -22.66
N PHE C 164 23.14 6.30 -22.30
CA PHE C 164 23.49 5.11 -21.52
C PHE C 164 24.54 4.21 -22.15
N ILE C 165 25.55 3.89 -21.32
CA ILE C 165 26.54 2.88 -21.70
C ILE C 165 26.22 1.57 -21.00
N CYS C 166 25.90 0.57 -21.81
CA CYS C 166 25.43 -0.76 -21.34
C CYS C 166 26.55 -1.75 -21.12
N ASP C 167 27.35 -1.43 -20.10
CA ASP C 167 28.43 -2.29 -19.64
C ASP C 167 27.95 -3.06 -18.41
N CYS C 168 28.87 -3.79 -17.78
CA CYS C 168 28.54 -4.56 -16.58
C CYS C 168 27.96 -3.70 -15.44
N HIS C 169 28.29 -2.40 -15.38
CA HIS C 169 27.83 -1.57 -14.27
C HIS C 169 26.35 -1.19 -14.40
N LEU C 170 25.76 -1.51 -15.55
CA LEU C 170 24.36 -1.26 -15.82
C LEU C 170 23.54 -2.56 -15.85
N LYS C 171 24.20 -3.71 -15.62
CA LYS C 171 23.57 -5.03 -15.61
C LYS C 171 22.29 -5.00 -14.73
N TRP C 172 22.41 -4.45 -13.51
CA TRP C 172 21.30 -4.37 -12.54
C TRP C 172 20.07 -3.62 -13.12
N LEU C 173 20.32 -2.59 -13.93
CA LEU C 173 19.21 -1.78 -14.49
C LEU C 173 18.49 -2.58 -15.56
N ALA C 174 19.24 -3.42 -16.28
CA ALA C 174 18.65 -4.34 -17.24
C ALA C 174 17.62 -5.25 -16.56
N ASP C 175 17.94 -5.78 -15.36
CA ASP C 175 17.01 -6.60 -14.58
C ASP C 175 15.90 -5.78 -13.95
N TYR C 176 16.28 -4.64 -13.37
CA TYR C 176 15.33 -3.76 -12.67
C TYR C 176 14.20 -3.39 -13.63
N LEU C 177 14.57 -2.97 -14.84
CA LEU C 177 13.61 -2.44 -15.80
C LEU C 177 12.82 -3.56 -16.51
N HIS C 178 13.30 -4.80 -16.43
CA HIS C 178 12.54 -5.93 -16.99
C HIS C 178 11.49 -6.46 -16.00
N THR C 179 11.90 -6.53 -14.74
CA THR C 179 11.10 -6.95 -13.61
C THR C 179 10.04 -5.91 -13.29
N ASN C 180 10.40 -4.63 -13.42
CA ASN C 180 9.54 -3.51 -13.11
C ASN C 180 9.31 -2.75 -14.40
N PRO C 181 8.41 -3.25 -15.26
CA PRO C 181 8.29 -2.61 -16.59
C PRO C 181 7.42 -1.38 -16.49
N ILE C 182 8.00 -0.32 -15.93
CA ILE C 182 7.24 0.90 -15.61
C ILE C 182 7.63 2.06 -16.54
N GLU C 183 8.33 1.72 -17.60
CA GLU C 183 8.65 2.71 -18.62
C GLU C 183 7.63 2.71 -19.76
N THR C 184 7.26 3.90 -20.25
CA THR C 184 6.39 4.02 -21.43
C THR C 184 7.31 4.05 -22.64
N SER C 185 8.33 4.90 -22.58
CA SER C 185 9.40 4.91 -23.58
C SER C 185 10.71 4.40 -22.95
N GLY C 186 11.00 3.12 -23.15
CA GLY C 186 12.17 2.52 -22.54
C GLY C 186 13.53 3.16 -22.88
N ALA C 187 14.31 3.36 -21.82
CA ALA C 187 15.67 3.81 -21.93
C ALA C 187 16.35 2.85 -22.88
N ARG C 188 17.21 3.38 -23.76
CA ARG C 188 18.01 2.55 -24.68
C ARG C 188 19.49 2.77 -24.45
N CYS C 189 20.24 1.69 -24.68
CA CYS C 189 21.69 1.73 -24.81
C CYS C 189 22.07 2.58 -25.98
N THR C 190 23.07 3.42 -25.80
CA THR C 190 23.67 4.09 -26.95
C THR C 190 25.07 3.54 -27.25
N SER C 191 25.53 2.61 -26.41
CA SER C 191 26.87 2.00 -26.50
C SER C 191 26.92 0.74 -25.61
N PRO C 192 27.72 -0.29 -25.97
CA PRO C 192 28.54 -0.51 -27.16
C PRO C 192 27.69 -0.65 -28.42
N ARG C 193 28.33 -0.82 -29.58
CA ARG C 193 27.63 -0.91 -30.88
CA ARG C 193 27.55 -0.83 -30.80
C ARG C 193 26.70 -2.10 -30.93
N ARG C 194 27.18 -3.22 -30.39
CA ARG C 194 26.40 -4.45 -30.26
CA ARG C 194 26.42 -4.46 -30.17
C ARG C 194 24.97 -4.20 -29.74
N LEU C 195 24.84 -3.32 -28.75
CA LEU C 195 23.57 -3.10 -28.04
C LEU C 195 22.94 -1.77 -28.32
N ALA C 196 23.54 -0.99 -29.22
CA ALA C 196 23.01 0.33 -29.54
C ALA C 196 21.55 0.30 -29.98
N ASN C 197 20.75 1.24 -29.47
CA ASN C 197 19.33 1.39 -29.84
C ASN C 197 18.40 0.33 -29.28
N LYS C 198 18.94 -0.64 -28.55
CA LYS C 198 18.13 -1.64 -27.87
C LYS C 198 17.74 -1.11 -26.50
N ARG C 199 16.55 -1.51 -26.04
CA ARG C 199 16.00 -1.05 -24.77
C ARG C 199 16.66 -1.80 -23.61
N ILE C 200 17.16 -1.05 -22.63
CA ILE C 200 17.85 -1.61 -21.44
C ILE C 200 17.04 -2.73 -20.75
N GLY C 201 15.75 -2.50 -20.54
CA GLY C 201 14.85 -3.47 -19.93
C GLY C 201 14.49 -4.68 -20.80
N GLN C 202 14.94 -4.72 -22.04
CA GLN C 202 14.64 -5.80 -22.97
C GLN C 202 15.86 -6.62 -23.37
N ILE C 203 17.03 -6.24 -22.86
CA ILE C 203 18.26 -6.96 -23.13
C ILE C 203 18.53 -7.83 -21.93
N LYS C 204 18.76 -9.13 -22.19
CA LYS C 204 19.11 -10.03 -21.12
C LYS C 204 20.37 -9.45 -20.49
N SER C 205 20.40 -9.38 -19.16
CA SER C 205 21.52 -8.72 -18.46
C SER C 205 22.87 -9.45 -18.62
N LYS C 206 22.87 -10.73 -19.02
CA LYS C 206 24.13 -11.43 -19.31
C LYS C 206 24.93 -10.76 -20.44
N LYS C 207 24.22 -10.02 -21.28
CA LYS C 207 24.83 -9.35 -22.43
CA LYS C 207 24.83 -9.36 -22.43
C LYS C 207 25.51 -8.02 -22.08
N PHE C 208 25.34 -7.57 -20.84
CA PHE C 208 25.98 -6.35 -20.32
C PHE C 208 27.33 -6.80 -19.72
N ARG C 209 28.42 -6.62 -20.48
CA ARG C 209 29.75 -7.11 -20.11
C ARG C 209 30.74 -5.97 -19.84
N CYS C 210 31.90 -6.31 -19.26
CA CYS C 210 33.02 -5.35 -19.13
C CYS C 210 34.29 -6.02 -19.64
N HIS D 4 -40.29 6.15 2.43
CA HIS D 4 -39.10 5.26 2.24
C HIS D 4 -38.41 4.92 3.56
N CYS D 5 -38.65 5.76 4.57
CA CYS D 5 -38.05 5.55 5.87
C CYS D 5 -39.02 4.77 6.77
N PRO D 6 -38.56 3.63 7.34
CA PRO D 6 -39.47 2.90 8.22
C PRO D 6 -39.94 3.82 9.34
N ALA D 7 -41.20 3.71 9.72
CA ALA D 7 -41.80 4.64 10.68
C ALA D 7 -41.08 4.68 12.03
N ALA D 8 -40.53 3.54 12.44
CA ALA D 8 -39.82 3.40 13.73
C ALA D 8 -38.34 3.84 13.68
N CYS D 9 -37.83 4.08 12.48
CA CYS D 9 -36.43 4.48 12.25
C CYS D 9 -36.25 5.97 11.93
N THR D 10 -35.01 6.44 12.03
CA THR D 10 -34.65 7.78 11.56
C THR D 10 -33.66 7.68 10.40
N CYS D 11 -33.98 8.39 9.33
CA CYS D 11 -33.18 8.41 8.11
C CYS D 11 -32.62 9.80 7.86
N SER D 12 -31.29 9.90 7.79
CA SER D 12 -30.59 11.19 7.64
C SER D 12 -29.32 11.09 6.81
N ASN D 13 -29.19 11.92 5.77
CA ASN D 13 -27.88 12.04 5.07
C ASN D 13 -27.33 10.68 4.59
N ASN D 14 -28.25 9.88 4.04
CA ASN D 14 -28.05 8.50 3.59
C ASN D 14 -27.70 7.46 4.66
N ILE D 15 -28.09 7.78 5.89
CA ILE D 15 -27.97 6.84 7.01
C ILE D 15 -29.38 6.45 7.46
N VAL D 16 -29.66 5.14 7.50
CA VAL D 16 -30.92 4.62 8.02
C VAL D 16 -30.62 4.03 9.41
N ASP D 17 -31.16 4.66 10.44
CA ASP D 17 -30.84 4.30 11.84
C ASP D 17 -32.06 3.65 12.54
N CYS D 18 -31.97 2.35 12.75
CA CYS D 18 -33.08 1.52 13.28
C CYS D 18 -32.72 0.79 14.59
N ARG D 19 -31.69 1.29 15.27
CA ARG D 19 -31.22 0.77 16.55
C ARG D 19 -32.37 0.58 17.52
N GLY D 20 -32.44 -0.61 18.15
CA GLY D 20 -33.31 -0.83 19.31
C GLY D 20 -34.76 -0.41 19.16
N LYS D 21 -35.32 -0.76 18.02
CA LYS D 21 -36.70 -0.44 17.66
C LYS D 21 -37.60 -1.68 17.60
N GLY D 22 -37.09 -2.80 18.12
CA GLY D 22 -37.86 -4.04 18.16
C GLY D 22 -38.17 -4.58 16.78
N LEU D 23 -37.29 -4.33 15.81
CA LEU D 23 -37.48 -4.81 14.45
C LEU D 23 -37.27 -6.32 14.41
N THR D 24 -38.19 -7.03 13.77
CA THR D 24 -38.11 -8.50 13.69
C THR D 24 -37.56 -8.99 12.37
N GLU D 25 -37.47 -8.09 11.40
CA GLU D 25 -36.83 -8.39 10.12
C GLU D 25 -36.19 -7.16 9.54
N ILE D 26 -35.36 -7.35 8.54
CA ILE D 26 -34.72 -6.23 7.85
C ILE D 26 -35.81 -5.44 7.13
N PRO D 27 -35.79 -4.09 7.25
CA PRO D 27 -36.81 -3.31 6.55
C PRO D 27 -36.58 -3.33 5.06
N THR D 28 -37.61 -2.94 4.33
CA THR D 28 -37.62 -3.10 2.88
C THR D 28 -37.94 -1.76 2.22
N ASN D 29 -37.61 -1.64 0.93
CA ASN D 29 -37.95 -0.45 0.13
C ASN D 29 -37.31 0.85 0.67
N LEU D 30 -36.07 0.75 1.13
CA LEU D 30 -35.32 1.92 1.60
C LEU D 30 -34.77 2.75 0.40
N PRO D 31 -34.34 4.01 0.65
CA PRO D 31 -33.77 4.75 -0.49
C PRO D 31 -32.56 3.98 -1.04
N GLU D 32 -32.42 3.94 -2.36
CA GLU D 32 -31.35 3.21 -3.07
C GLU D 32 -29.94 3.80 -2.91
N THR D 33 -29.92 5.04 -2.39
CA THR D 33 -28.72 5.83 -2.24
C THR D 33 -28.10 5.74 -0.84
N ILE D 34 -28.69 4.97 0.07
CA ILE D 34 -28.14 4.88 1.42
C ILE D 34 -26.69 4.31 1.51
N THR D 35 -25.89 4.90 2.37
CA THR D 35 -24.53 4.43 2.55
C THR D 35 -24.29 3.77 3.90
N GLU D 36 -25.24 3.93 4.84
CA GLU D 36 -25.15 3.23 6.12
C GLU D 36 -26.53 2.80 6.64
N ILE D 37 -26.60 1.57 7.15
CA ILE D 37 -27.84 1.10 7.77
C ILE D 37 -27.52 0.60 9.17
N ARG D 38 -28.22 1.14 10.16
CA ARG D 38 -27.99 0.77 11.56
C ARG D 38 -29.16 -0.04 12.09
N LEU D 39 -28.94 -1.35 12.24
CA LEU D 39 -30.01 -2.30 12.64
C LEU D 39 -29.67 -3.05 13.92
N GLU D 40 -28.62 -2.60 14.60
CA GLU D 40 -28.22 -3.23 15.84
C GLU D 40 -29.31 -3.14 16.92
N GLN D 41 -29.30 -4.13 17.80
CA GLN D 41 -30.17 -4.17 18.99
C GLN D 41 -31.66 -4.31 18.68
N ASN D 42 -31.98 -5.15 17.71
CA ASN D 42 -33.33 -5.54 17.40
C ASN D 42 -33.55 -7.06 17.66
N THR D 43 -34.60 -7.64 17.09
CA THR D 43 -34.79 -9.11 17.18
C THR D 43 -34.80 -9.82 15.81
N ILE D 44 -33.92 -9.38 14.93
CA ILE D 44 -33.73 -10.02 13.62
C ILE D 44 -33.13 -11.43 13.82
N LYS D 45 -33.69 -12.43 13.13
CA LYS D 45 -33.25 -13.81 13.28
C LYS D 45 -32.58 -14.40 12.04
N VAL D 46 -32.94 -13.84 10.90
CA VAL D 46 -32.61 -14.39 9.59
C VAL D 46 -32.26 -13.23 8.65
N ILE D 47 -31.21 -13.38 7.84
CA ILE D 47 -30.91 -12.40 6.81
CA ILE D 47 -30.91 -12.40 6.80
C ILE D 47 -31.31 -13.01 5.45
N PRO D 48 -32.39 -12.51 4.84
CA PRO D 48 -32.95 -13.15 3.65
C PRO D 48 -32.06 -13.00 2.41
N PRO D 49 -32.28 -13.82 1.34
CA PRO D 49 -31.47 -13.63 0.11
C PRO D 49 -31.44 -12.19 -0.44
N GLY D 50 -30.25 -11.73 -0.83
CA GLY D 50 -30.13 -10.38 -1.39
C GLY D 50 -30.64 -9.29 -0.48
N ALA D 51 -30.58 -9.56 0.83
CA ALA D 51 -31.14 -8.63 1.83
C ALA D 51 -30.72 -7.21 1.54
N PHE D 52 -29.42 -7.01 1.33
CA PHE D 52 -28.84 -5.66 1.21
C PHE D 52 -28.44 -5.34 -0.21
N SER D 53 -28.63 -6.30 -1.10
CA SER D 53 -28.29 -6.15 -2.52
C SER D 53 -28.87 -4.93 -3.23
N PRO D 54 -30.11 -4.47 -2.89
CA PRO D 54 -30.62 -3.26 -3.55
C PRO D 54 -29.82 -2.00 -3.29
N TYR D 55 -28.95 -2.03 -2.27
CA TYR D 55 -28.30 -0.82 -1.75
C TYR D 55 -26.79 -0.86 -2.04
N LYS D 56 -26.44 -0.69 -3.32
CA LYS D 56 -25.09 -0.83 -3.86
CA LYS D 56 -25.08 -0.86 -3.82
C LYS D 56 -24.08 0.19 -3.30
N LYS D 57 -24.58 1.31 -2.84
CA LYS D 57 -23.78 2.37 -2.26
C LYS D 57 -23.45 2.21 -0.74
N LEU D 58 -23.93 1.13 -0.11
CA LEU D 58 -23.60 0.83 1.32
C LEU D 58 -22.10 0.77 1.66
N ARG D 59 -21.68 1.59 2.62
CA ARG D 59 -20.32 1.50 3.15
C ARG D 59 -20.26 0.77 4.51
N ARG D 60 -21.37 0.74 5.22
CA ARG D 60 -21.45 0.18 6.55
C ARG D 60 -22.82 -0.44 6.87
N ILE D 61 -22.77 -1.71 7.31
CA ILE D 61 -23.93 -2.42 7.89
C ILE D 61 -23.67 -2.89 9.35
N ASP D 62 -24.57 -2.45 10.24
CA ASP D 62 -24.55 -2.90 11.62
C ASP D 62 -25.81 -3.71 11.96
N LEU D 63 -25.58 -4.98 12.29
CA LEU D 63 -26.56 -6.00 12.64
C LEU D 63 -26.14 -6.66 13.95
N SER D 64 -25.28 -5.96 14.70
CA SER D 64 -24.81 -6.45 15.99
C SER D 64 -25.99 -6.54 16.97
N ASN D 65 -25.86 -7.46 17.91
CA ASN D 65 -26.83 -7.62 19.01
C ASN D 65 -28.28 -7.84 18.52
N ASN D 66 -28.42 -8.64 17.47
CA ASN D 66 -29.67 -9.25 17.11
C ASN D 66 -29.72 -10.69 17.62
N GLN D 67 -30.52 -11.58 17.03
CA GLN D 67 -30.37 -13.04 17.30
C GLN D 67 -30.28 -13.80 15.98
N ILE D 68 -29.43 -13.33 15.10
CA ILE D 68 -29.32 -13.91 13.76
C ILE D 68 -28.66 -15.29 13.88
N SER D 69 -29.37 -16.30 13.37
CA SER D 69 -28.86 -17.66 13.33
C SER D 69 -28.78 -18.18 11.88
N GLU D 70 -29.40 -17.48 10.94
CA GLU D 70 -29.39 -17.94 9.54
C GLU D 70 -29.12 -16.78 8.60
N LEU D 71 -28.15 -16.96 7.70
CA LEU D 71 -27.84 -15.93 6.71
C LEU D 71 -27.88 -16.56 5.32
N ALA D 72 -28.55 -15.89 4.38
CA ALA D 72 -28.54 -16.40 3.01
C ALA D 72 -27.16 -16.14 2.43
N PRO D 73 -26.67 -17.03 1.55
CA PRO D 73 -25.27 -16.82 1.03
C PRO D 73 -25.07 -15.48 0.26
N ASP D 74 -26.15 -14.95 -0.32
CA ASP D 74 -26.17 -13.70 -1.09
C ASP D 74 -26.76 -12.55 -0.32
N ALA D 75 -26.75 -12.62 1.01
CA ALA D 75 -27.23 -11.51 1.88
C ALA D 75 -26.60 -10.17 1.51
N PHE D 76 -25.31 -10.22 1.19
CA PHE D 76 -24.53 -9.02 0.86
C PHE D 76 -24.04 -9.00 -0.59
N GLN D 77 -24.71 -9.71 -1.49
CA GLN D 77 -24.22 -9.84 -2.87
C GLN D 77 -24.13 -8.48 -3.54
N GLY D 78 -23.03 -8.21 -4.23
CA GLY D 78 -22.91 -6.99 -5.04
C GLY D 78 -22.41 -5.76 -4.28
N LEU D 79 -22.10 -5.90 -2.99
CA LEU D 79 -21.78 -4.72 -2.18
C LEU D 79 -20.31 -4.37 -2.21
N ARG D 80 -19.86 -3.98 -3.41
CA ARG D 80 -18.45 -3.73 -3.70
C ARG D 80 -17.82 -2.59 -2.94
N SER D 81 -18.65 -1.65 -2.48
CA SER D 81 -18.20 -0.48 -1.71
C SER D 81 -18.27 -0.69 -0.18
N LEU D 82 -18.82 -1.83 0.26
CA LEU D 82 -18.94 -2.13 1.70
C LEU D 82 -17.59 -2.12 2.40
N ASN D 83 -17.44 -1.26 3.42
CA ASN D 83 -16.20 -1.11 4.21
C ASN D 83 -16.29 -1.80 5.58
N SER D 84 -17.43 -1.70 6.25
CA SER D 84 -17.57 -2.40 7.53
C SER D 84 -18.81 -3.26 7.67
N LEU D 85 -18.60 -4.46 8.17
CA LEU D 85 -19.70 -5.40 8.32
C LEU D 85 -19.63 -5.83 9.74
N VAL D 86 -20.63 -5.46 10.52
CA VAL D 86 -20.59 -5.62 11.95
C VAL D 86 -21.65 -6.65 12.34
N LEU D 87 -21.20 -7.84 12.77
CA LEU D 87 -22.18 -8.93 12.96
C LEU D 87 -22.12 -9.56 14.36
N TYR D 88 -21.36 -8.91 15.26
CA TYR D 88 -21.18 -9.39 16.63
C TYR D 88 -22.46 -9.51 17.48
N GLY D 89 -22.37 -10.38 18.47
CA GLY D 89 -23.45 -10.64 19.42
C GLY D 89 -24.70 -11.14 18.74
N ASN D 90 -24.57 -12.20 17.95
CA ASN D 90 -25.70 -12.95 17.39
C ASN D 90 -25.61 -14.45 17.69
N LYS D 91 -26.29 -15.26 16.88
CA LYS D 91 -26.41 -16.70 17.17
C LYS D 91 -25.89 -17.56 16.01
N ILE D 92 -24.87 -17.05 15.32
CA ILE D 92 -24.40 -17.66 14.09
C ILE D 92 -23.50 -18.78 14.50
N THR D 93 -23.75 -19.96 13.89
CA THR D 93 -23.01 -21.20 14.13
C THR D 93 -22.13 -21.51 12.96
N GLU D 94 -22.58 -21.17 11.77
CA GLU D 94 -21.74 -21.33 10.59
C GLU D 94 -22.04 -20.30 9.51
N LEU D 95 -21.06 -20.09 8.63
CA LEU D 95 -21.24 -19.12 7.55
C LEU D 95 -21.46 -19.89 6.24
N PRO D 96 -22.55 -19.55 5.51
CA PRO D 96 -22.74 -20.23 4.23
C PRO D 96 -21.59 -19.89 3.25
N LYS D 97 -21.22 -20.87 2.41
CA LYS D 97 -20.36 -20.65 1.24
C LYS D 97 -20.76 -19.39 0.50
N SER D 98 -19.75 -18.52 0.26
CA SER D 98 -19.87 -17.25 -0.48
C SER D 98 -20.47 -16.06 0.29
N LEU D 99 -20.67 -16.13 1.61
CA LEU D 99 -21.27 -14.99 2.35
C LEU D 99 -20.52 -13.68 2.16
N PHE D 100 -19.18 -13.77 2.08
CA PHE D 100 -18.33 -12.61 1.95
C PHE D 100 -17.81 -12.47 0.54
N GLU D 101 -18.34 -13.25 -0.41
CA GLU D 101 -17.85 -13.17 -1.78
C GLU D 101 -18.12 -11.76 -2.37
N GLY D 102 -17.16 -11.19 -3.10
CA GLY D 102 -17.35 -9.88 -3.71
C GLY D 102 -17.40 -8.64 -2.80
N LEU D 103 -17.12 -8.80 -1.51
CA LEU D 103 -16.93 -7.65 -0.62
C LEU D 103 -15.49 -7.12 -0.71
N PHE D 104 -15.11 -6.71 -1.92
CA PHE D 104 -13.75 -6.28 -2.24
C PHE D 104 -13.21 -5.09 -1.44
N SER D 105 -14.09 -4.16 -1.05
CA SER D 105 -13.61 -3.01 -0.29
C SER D 105 -13.68 -3.22 1.24
N LEU D 106 -13.95 -4.46 1.68
CA LEU D 106 -14.22 -4.69 3.10
C LEU D 106 -12.98 -4.41 3.90
N GLN D 107 -13.13 -3.59 4.94
CA GLN D 107 -11.99 -3.16 5.79
C GLN D 107 -12.09 -3.72 7.21
N LEU D 108 -13.32 -3.80 7.74
CA LEU D 108 -13.54 -4.40 9.04
C LEU D 108 -14.69 -5.39 9.05
N LEU D 109 -14.45 -6.53 9.70
CA LEU D 109 -15.40 -7.65 9.79
C LEU D 109 -15.39 -8.15 11.23
N LEU D 110 -16.50 -7.92 11.90
CA LEU D 110 -16.63 -8.29 13.30
C LEU D 110 -17.68 -9.39 13.44
N LEU D 111 -17.17 -10.58 13.74
CA LEU D 111 -17.97 -11.80 13.92
C LEU D 111 -17.86 -12.30 15.36
N ASN D 112 -17.26 -11.50 16.23
CA ASN D 112 -17.11 -11.87 17.63
C ASN D 112 -18.43 -12.19 18.37
N ALA D 113 -18.35 -12.96 19.45
CA ALA D 113 -19.54 -13.24 20.27
C ALA D 113 -20.69 -13.82 19.45
N ASN D 114 -20.38 -14.86 18.68
CA ASN D 114 -21.38 -15.73 18.07
C ASN D 114 -21.15 -17.18 18.56
N LYS D 115 -21.54 -18.21 17.80
CA LYS D 115 -21.39 -19.60 18.23
CA LYS D 115 -21.43 -19.61 18.20
C LYS D 115 -20.71 -20.36 17.08
N ILE D 116 -19.83 -19.64 16.38
CA ILE D 116 -19.33 -20.11 15.13
C ILE D 116 -18.43 -21.30 15.43
N ASN D 117 -18.79 -22.44 14.86
CA ASN D 117 -18.05 -23.65 15.18
CA ASN D 117 -18.17 -23.75 15.08
C ASN D 117 -17.05 -24.05 14.11
N LEU D 119 -15.03 -22.59 10.06
CA LEU D 119 -14.79 -21.57 9.03
C LEU D 119 -14.40 -22.30 7.77
N ARG D 120 -15.03 -21.94 6.65
CA ARG D 120 -14.57 -22.43 5.36
C ARG D 120 -13.19 -21.82 5.02
N VAL D 121 -12.29 -22.61 4.43
CA VAL D 121 -11.01 -22.04 3.96
C VAL D 121 -11.18 -20.83 2.98
N ASP D 122 -12.23 -20.86 2.15
CA ASP D 122 -12.59 -19.76 1.21
C ASP D 122 -13.43 -18.65 1.86
N ALA D 123 -13.52 -18.66 3.20
CA ALA D 123 -14.42 -17.72 3.92
C ALA D 123 -14.15 -16.26 3.61
N PHE D 124 -12.86 -15.95 3.43
CA PHE D 124 -12.36 -14.60 3.29
C PHE D 124 -11.61 -14.42 1.95
N GLN D 125 -12.06 -15.15 0.92
CA GLN D 125 -11.37 -15.28 -0.34
C GLN D 125 -11.05 -13.95 -0.97
N ASP D 126 -12.01 -13.03 -0.87
CA ASP D 126 -12.04 -11.77 -1.59
C ASP D 126 -11.67 -10.55 -0.70
N LEU D 127 -11.31 -10.77 0.56
CA LEU D 127 -11.14 -9.66 1.49
C LEU D 127 -9.68 -9.23 1.60
N HIS D 128 -9.16 -8.86 0.45
CA HIS D 128 -7.78 -8.42 0.28
C HIS D 128 -7.46 -7.10 0.98
N ASN D 129 -8.48 -6.31 1.21
CA ASN D 129 -8.35 -5.04 1.84
C ASN D 129 -8.76 -5.06 3.34
N LEU D 130 -9.07 -6.23 3.87
CA LEU D 130 -9.52 -6.32 5.25
C LEU D 130 -8.40 -5.91 6.24
N ASN D 131 -8.67 -4.93 7.11
CA ASN D 131 -7.66 -4.51 8.08
CA ASN D 131 -7.69 -4.45 8.11
C ASN D 131 -7.91 -5.02 9.49
N LEU D 132 -9.18 -5.31 9.80
CA LEU D 132 -9.51 -5.81 11.13
C LEU D 132 -10.46 -6.98 11.01
N LEU D 133 -10.09 -8.12 11.60
CA LEU D 133 -10.97 -9.30 11.71
C LEU D 133 -11.19 -9.64 13.19
N SER D 134 -12.43 -9.82 13.61
CA SER D 134 -12.67 -10.36 14.91
C SER D 134 -13.54 -11.61 14.91
N LEU D 135 -12.90 -12.67 15.42
CA LEU D 135 -13.56 -13.94 15.64
CA LEU D 135 -13.51 -13.97 15.63
C LEU D 135 -13.61 -14.28 17.14
N TYR D 136 -13.21 -13.33 17.99
CA TYR D 136 -13.22 -13.43 19.47
C TYR D 136 -14.54 -14.01 20.04
N ASP D 137 -14.45 -14.91 21.02
CA ASP D 137 -15.62 -15.48 21.68
C ASP D 137 -16.53 -16.23 20.69
N ASN D 138 -16.04 -17.35 20.15
CA ASN D 138 -16.86 -18.25 19.35
C ASN D 138 -16.62 -19.67 19.82
N LYS D 139 -16.91 -20.66 18.97
CA LYS D 139 -16.65 -22.04 19.35
C LYS D 139 -15.64 -22.75 18.48
N LEU D 140 -14.62 -22.02 17.98
CA LEU D 140 -13.67 -22.55 17.03
C LEU D 140 -12.63 -23.39 17.74
N GLN D 141 -12.47 -24.59 17.26
CA GLN D 141 -11.43 -25.49 17.75
C GLN D 141 -10.21 -25.42 16.87
N THR D 142 -10.45 -24.96 15.63
CA THR D 142 -9.42 -24.91 14.61
CA THR D 142 -9.42 -24.92 14.58
C THR D 142 -9.72 -23.86 13.53
N ILE D 143 -8.68 -23.50 12.77
CA ILE D 143 -8.78 -22.67 11.58
C ILE D 143 -7.93 -23.40 10.52
N ALA D 144 -8.52 -23.69 9.36
CA ALA D 144 -7.82 -24.56 8.39
C ALA D 144 -6.71 -23.77 7.69
N LYS D 145 -5.58 -24.43 7.40
CA LYS D 145 -4.44 -23.81 6.70
C LYS D 145 -4.91 -23.16 5.38
N GLY D 146 -4.60 -21.87 5.15
CA GLY D 146 -5.03 -21.21 3.90
C GLY D 146 -6.16 -20.22 4.14
N THR D 147 -6.83 -20.33 5.29
CA THR D 147 -7.97 -19.45 5.59
C THR D 147 -7.59 -17.96 5.63
N PHE D 148 -6.35 -17.65 6.05
CA PHE D 148 -5.88 -16.27 6.14
C PHE D 148 -5.05 -15.79 4.98
N SER D 149 -4.73 -16.68 4.03
CA SER D 149 -3.94 -16.33 2.82
C SER D 149 -4.40 -15.11 2.02
N PRO D 150 -5.73 -14.91 1.89
CA PRO D 150 -6.23 -13.74 1.15
C PRO D 150 -6.04 -12.42 1.85
N LEU D 151 -5.65 -12.47 3.12
CA LEU D 151 -5.71 -11.30 4.01
C LEU D 151 -4.40 -10.47 3.95
N ARG D 152 -4.24 -9.82 2.79
CA ARG D 152 -3.11 -8.92 2.45
CA ARG D 152 -3.07 -8.98 2.50
C ARG D 152 -2.99 -7.74 3.40
N ALA D 153 -4.12 -7.10 3.66
CA ALA D 153 -4.07 -5.84 4.42
C ALA D 153 -4.24 -5.99 5.96
N ILE D 154 -4.28 -7.23 6.46
CA ILE D 154 -4.66 -7.41 7.85
C ILE D 154 -3.64 -6.78 8.81
N GLN D 155 -4.15 -5.95 9.73
CA GLN D 155 -3.35 -5.34 10.78
C GLN D 155 -3.86 -5.54 12.21
N THR D 156 -5.02 -6.17 12.37
CA THR D 156 -5.56 -6.47 13.69
C THR D 156 -6.38 -7.71 13.60
N MET D 157 -6.17 -8.62 14.51
CA MET D 157 -7.03 -9.78 14.63
C MET D 157 -7.31 -10.07 16.09
N HIS D 158 -8.55 -10.41 16.35
CA HIS D 158 -9.04 -10.76 17.67
C HIS D 158 -9.60 -12.12 17.58
N LEU D 159 -8.82 -13.09 18.11
CA LEU D 159 -9.10 -14.50 17.95
C LEU D 159 -9.38 -15.25 19.28
N ALA D 160 -9.25 -14.55 20.41
CA ALA D 160 -9.18 -15.22 21.72
C ALA D 160 -10.56 -15.73 22.15
N GLN D 161 -10.60 -16.53 23.21
CA GLN D 161 -11.88 -17.07 23.70
C GLN D 161 -12.57 -17.94 22.65
N ASN D 162 -11.77 -18.89 22.17
CA ASN D 162 -12.21 -19.95 21.31
C ASN D 162 -11.50 -21.18 21.85
N PRO D 163 -12.17 -22.32 21.81
CA PRO D 163 -11.58 -23.56 22.32
C PRO D 163 -10.57 -24.22 21.37
N PHE D 164 -9.47 -23.50 21.07
CA PHE D 164 -8.55 -23.92 20.04
C PHE D 164 -7.86 -25.11 20.53
N ILE D 165 -7.81 -26.08 19.63
CA ILE D 165 -7.04 -27.30 19.85
C ILE D 165 -5.76 -27.22 19.02
N CYS D 166 -4.66 -27.17 19.75
CA CYS D 166 -3.35 -26.92 19.19
C CYS D 166 -2.70 -28.21 18.81
N ASP D 167 -3.24 -28.86 17.78
CA ASP D 167 -2.61 -30.06 17.22
C ASP D 167 -1.87 -29.67 15.93
N CYS D 168 -1.36 -30.64 15.17
CA CYS D 168 -0.65 -30.36 13.94
C CYS D 168 -1.46 -29.48 12.94
N HIS D 169 -2.79 -29.45 13.08
CA HIS D 169 -3.62 -28.74 12.12
C HIS D 169 -3.66 -27.24 12.38
N LEU D 170 -3.15 -26.81 13.53
CA LEU D 170 -3.11 -25.40 13.89
C LEU D 170 -1.67 -24.85 13.85
N LYS D 171 -0.75 -25.74 13.45
CA LYS D 171 0.65 -25.40 13.41
CA LYS D 171 0.67 -25.45 13.35
C LYS D 171 0.96 -24.22 12.51
N TRP D 172 0.34 -24.18 11.34
CA TRP D 172 0.47 -23.03 10.44
C TRP D 172 0.12 -21.75 11.23
N LEU D 173 -0.80 -21.88 12.19
CA LEU D 173 -1.40 -20.65 12.80
C LEU D 173 -0.49 -20.06 13.85
N ALA D 174 0.20 -20.94 14.56
CA ALA D 174 1.31 -20.61 15.43
C ALA D 174 2.36 -19.75 14.68
N ASP D 175 2.86 -20.29 13.55
CA ASP D 175 3.81 -19.56 12.69
C ASP D 175 3.25 -18.25 12.20
N TYR D 176 1.98 -18.27 11.81
CA TYR D 176 1.34 -17.07 11.25
C TYR D 176 1.23 -15.98 12.32
N LEU D 177 0.84 -16.32 13.54
CA LEU D 177 0.49 -15.27 14.53
C LEU D 177 1.78 -14.78 15.20
N HIS D 178 2.85 -15.58 15.04
CA HIS D 178 4.19 -15.13 15.45
C HIS D 178 4.87 -14.16 14.48
N THR D 179 4.75 -14.45 13.20
CA THR D 179 5.28 -13.62 12.11
C THR D 179 4.48 -12.33 11.93
N ASN D 180 3.19 -12.43 12.18
CA ASN D 180 2.24 -11.35 12.07
C ASN D 180 1.69 -11.09 13.46
N PRO D 181 2.45 -10.38 14.30
CA PRO D 181 2.04 -10.33 15.70
C PRO D 181 1.03 -9.21 15.82
N ILE D 182 -0.18 -9.47 15.33
CA ILE D 182 -1.22 -8.45 15.18
C ILE D 182 -2.40 -8.64 16.14
N GLU D 183 -2.17 -9.41 17.18
CA GLU D 183 -3.16 -9.59 18.24
C GLU D 183 -2.78 -8.77 19.46
N THR D 184 -3.79 -8.19 20.11
CA THR D 184 -3.60 -7.46 21.33
C THR D 184 -3.77 -8.46 22.47
N SER D 185 -4.80 -9.29 22.34
CA SER D 185 -5.03 -10.34 23.31
C SER D 185 -4.89 -11.64 22.58
N GLY D 186 -3.69 -12.23 22.62
CA GLY D 186 -3.40 -13.45 21.86
C GLY D 186 -4.34 -14.63 22.13
N ALA D 187 -4.63 -15.41 21.08
CA ALA D 187 -5.48 -16.55 21.16
C ALA D 187 -4.66 -17.66 21.84
N ARG D 188 -5.33 -18.43 22.72
CA ARG D 188 -4.65 -19.41 23.55
C ARG D 188 -5.04 -20.85 23.19
N CYS D 189 -4.09 -21.79 23.38
CA CYS D 189 -4.43 -23.22 23.31
C CYS D 189 -5.29 -23.54 24.49
N THR D 190 -6.27 -24.38 24.21
CA THR D 190 -7.17 -24.92 25.22
C THR D 190 -6.83 -26.40 25.48
N SER D 191 -6.16 -27.01 24.52
CA SER D 191 -5.86 -28.42 24.51
C SER D 191 -4.71 -28.61 23.55
N PRO D 192 -3.83 -29.60 23.74
CA PRO D 192 -3.71 -30.58 24.83
C PRO D 192 -3.25 -29.90 26.11
N ARG D 193 -3.22 -30.64 27.21
CA ARG D 193 -2.95 -30.07 28.51
C ARG D 193 -1.56 -29.41 28.58
N ARG D 194 -0.56 -30.04 27.94
CA ARG D 194 0.82 -29.52 27.83
CA ARG D 194 0.80 -29.50 27.96
C ARG D 194 0.88 -28.07 27.41
N LEU D 195 -0.09 -27.68 26.57
CA LEU D 195 -0.10 -26.38 25.93
C LEU D 195 -1.21 -25.49 26.40
N ALA D 196 -2.05 -25.95 27.33
CA ALA D 196 -3.24 -25.21 27.69
C ALA D 196 -2.88 -23.84 28.25
N ASN D 197 -3.61 -22.81 27.79
CA ASN D 197 -3.43 -21.43 28.27
C ASN D 197 -2.22 -20.67 27.73
N LYS D 198 -1.40 -21.36 26.92
CA LYS D 198 -0.27 -20.73 26.25
CA LYS D 198 -0.25 -20.77 26.22
C LYS D 198 -0.71 -20.13 24.92
N ARG D 199 -0.16 -18.96 24.57
CA ARG D 199 -0.62 -18.22 23.40
C ARG D 199 -0.13 -18.85 22.11
N ILE D 200 -1.05 -19.11 21.20
CA ILE D 200 -0.75 -19.80 19.93
C ILE D 200 0.43 -19.16 19.18
N GLY D 201 0.46 -17.85 19.12
CA GLY D 201 1.52 -17.11 18.46
C GLY D 201 2.87 -17.13 19.20
N GLN D 202 2.93 -17.72 20.39
CA GLN D 202 4.16 -17.78 21.21
C GLN D 202 4.73 -19.20 21.40
N ILE D 203 4.02 -20.19 20.89
CA ILE D 203 4.47 -21.58 20.95
C ILE D 203 5.22 -21.93 19.67
N LYS D 204 6.43 -22.46 19.82
CA LYS D 204 7.19 -22.90 18.65
C LYS D 204 6.34 -23.97 17.96
N SER D 205 6.16 -23.84 16.65
CA SER D 205 5.14 -24.62 15.92
C SER D 205 5.47 -26.12 15.93
N LYS D 206 6.74 -26.44 16.19
CA LYS D 206 7.15 -27.83 16.28
C LYS D 206 6.40 -28.57 17.39
N LYS D 207 5.89 -27.83 18.38
CA LYS D 207 5.24 -28.44 19.54
C LYS D 207 3.77 -28.81 19.26
N PHE D 208 3.28 -28.44 18.08
CA PHE D 208 1.92 -28.76 17.66
C PHE D 208 1.96 -30.10 16.96
N ARG D 209 1.45 -31.14 17.61
CA ARG D 209 1.54 -32.50 17.08
C ARG D 209 0.18 -33.16 16.94
N CYS D 210 0.14 -34.18 16.09
CA CYS D 210 -1.02 -35.06 15.96
C CYS D 210 -0.55 -36.48 16.30
#